data_1AD5
#
_entry.id   1AD5
#
_cell.length_a   72.767
_cell.length_b   92.360
_cell.length_c   178.290
_cell.angle_alpha   90.00
_cell.angle_beta   90.00
_cell.angle_gamma   90.00
#
_symmetry.space_group_name_H-M   'P 21 21 21'
#
loop_
_entity.id
_entity.type
_entity.pdbx_description
1 polymer 'HAEMATOPOETIC CELL KINASE HCK'
2 non-polymer 'CALCIUM ION'
3 non-polymer 'PHOSPHOAMINOPHOSPHONIC ACID-ADENYLATE ESTER'
#
_entity_poly.entity_id   1
_entity_poly.type   'polypeptide(L)'
_entity_poly.pdbx_seq_one_letter_code
;EDIIVVALYDYEAIHHEDLSFQKGDQMVVLEESGEWWKARSLATRKEGYIPSNYVARVDSLETEEWFFKGISRKDAERQL
LAPGNMLGSFMIRDSETTKGSYSLSVRDYDPRQGDTVKHYKIRTLDNGGFYISPRSTFSTLQELVDHYKKGNDGLCQKLS
VPCMSSKPQKPWEKDAWEIPRESLKLEKKLGAGQFGEVWMATYNKHTKVAVKTMKPGSMSVEAFLAEANVMKTLQHDKLV
KLHAVVTKEPIYIITEFMAKGSLLDFLKSDEGSKQPLPKLIDFSAQIAEGMAFIEQRNYIHRDLRAANILVSASLVCKIA
DFGLARVGAKFPIKWTAPEAINFGSFTIKSDVWSFGILLMEIVTYGRIPYPGMSNPEVIRALERGYRMPRPENCPEELYN
IMMRCWKNRPEERPTFEYIQSVLDDFYTATESQ(PTR)QQQP
;
_entity_poly.pdbx_strand_id   A,B
#
# COMPACT_ATOMS: atom_id res chain seq x y z
N GLU A 1 26.99 38.35 15.49
CA GLU A 1 28.02 37.91 16.43
C GLU A 1 28.57 36.61 15.80
N ASP A 2 29.41 35.75 16.44
CA ASP A 2 29.71 34.43 15.87
C ASP A 2 28.44 33.60 16.13
N ILE A 3 28.25 32.36 15.65
CA ILE A 3 26.97 31.71 15.94
C ILE A 3 26.94 31.00 17.30
N ILE A 4 25.88 31.24 18.07
CA ILE A 4 25.77 30.67 19.39
C ILE A 4 24.58 29.72 19.44
N VAL A 5 24.81 28.54 20.06
CA VAL A 5 23.88 27.43 20.19
C VAL A 5 23.51 27.15 21.64
N VAL A 6 22.40 26.49 22.01
CA VAL A 6 22.13 26.15 23.41
C VAL A 6 21.97 24.64 23.55
N ALA A 7 22.35 24.16 24.72
CA ALA A 7 22.31 22.76 25.05
C ALA A 7 20.92 22.39 25.51
N LEU A 8 20.51 21.40 24.76
CA LEU A 8 19.21 20.79 24.94
C LEU A 8 19.29 19.77 26.03
N TYR A 9 20.48 19.23 26.26
CA TYR A 9 20.60 18.16 27.22
C TYR A 9 21.77 18.38 28.15
N ASP A 10 21.72 17.79 29.34
CA ASP A 10 22.91 17.72 30.14
C ASP A 10 23.86 16.78 29.38
N TYR A 11 25.17 17.01 29.40
CA TYR A 11 26.15 16.14 28.77
C TYR A 11 27.33 16.13 29.71
N GLU A 12 27.91 14.94 29.87
CA GLU A 12 29.02 14.62 30.76
C GLU A 12 30.18 14.24 29.85
N ALA A 13 31.24 15.03 29.77
CA ALA A 13 32.36 14.74 28.88
C ALA A 13 32.97 13.41 29.29
N ILE A 14 33.34 12.56 28.32
CA ILE A 14 33.76 11.20 28.64
C ILE A 14 34.94 10.74 27.81
N HIS A 15 35.57 11.67 27.09
CA HIS A 15 36.60 11.39 26.11
C HIS A 15 37.63 12.49 26.31
N HIS A 16 38.66 12.62 25.49
CA HIS A 16 39.71 13.55 25.90
C HIS A 16 39.58 15.06 25.73
N GLU A 17 38.91 15.56 24.71
CA GLU A 17 38.82 16.99 24.48
C GLU A 17 37.38 17.46 24.44
N ASP A 18 36.40 16.65 24.84
CA ASP A 18 35.01 17.05 24.68
C ASP A 18 34.56 17.87 25.87
N LEU A 19 33.55 18.69 25.75
CA LEU A 19 33.19 19.56 26.84
C LEU A 19 31.98 19.11 27.56
N SER A 20 31.97 19.05 28.86
CA SER A 20 30.71 18.87 29.55
C SER A 20 29.88 20.17 29.46
N PHE A 21 28.57 19.96 29.61
CA PHE A 21 27.63 21.04 29.71
C PHE A 21 26.29 20.63 30.30
N GLN A 22 25.49 21.61 30.63
CA GLN A 22 24.20 21.42 31.23
C GLN A 22 23.17 21.89 30.21
N LYS A 23 21.90 21.76 30.60
CA LYS A 23 20.80 22.26 29.81
C LYS A 23 20.78 23.80 30.01
N GLY A 24 20.48 24.61 28.97
CA GLY A 24 20.42 26.08 29.08
C GLY A 24 21.73 26.82 28.89
N ASP A 25 22.81 26.04 28.90
CA ASP A 25 24.17 26.49 28.70
C ASP A 25 24.30 26.91 27.26
N GLN A 26 25.07 27.95 27.01
CA GLN A 26 25.21 28.39 25.66
C GLN A 26 26.64 28.31 25.27
N MET A 27 26.91 28.23 23.99
CA MET A 27 28.28 28.19 23.53
C MET A 27 28.43 28.68 22.12
N VAL A 28 29.63 29.16 21.81
CA VAL A 28 29.99 29.77 20.54
C VAL A 28 30.44 28.66 19.60
N VAL A 29 30.02 28.49 18.35
CA VAL A 29 30.58 27.38 17.60
C VAL A 29 31.74 27.90 16.77
N LEU A 30 32.78 27.12 16.90
CA LEU A 30 33.97 27.39 16.17
C LEU A 30 34.16 26.48 14.98
N GLU A 31 33.75 25.20 14.98
CA GLU A 31 33.91 24.34 13.80
C GLU A 31 32.71 23.44 13.71
N GLU A 32 32.32 23.16 12.46
CA GLU A 32 31.25 22.25 12.09
C GLU A 32 31.78 20.86 11.68
N SER A 33 32.57 20.10 12.48
CA SER A 33 33.12 18.81 12.08
C SER A 33 32.13 17.61 12.07
N GLY A 34 30.93 17.81 11.54
CA GLY A 34 29.97 16.72 11.41
C GLY A 34 29.22 16.40 12.68
N GLU A 35 29.61 15.30 13.30
CA GLU A 35 28.89 14.82 14.46
C GLU A 35 29.33 15.45 15.79
N TRP A 36 30.54 16.01 15.75
CA TRP A 36 31.15 16.67 16.88
C TRP A 36 31.51 18.05 16.37
N TRP A 37 31.09 19.10 17.07
CA TRP A 37 31.46 20.47 16.70
C TRP A 37 32.35 21.01 17.79
N LYS A 38 33.19 22.03 17.56
CA LYS A 38 34.08 22.60 18.56
C LYS A 38 33.43 23.87 19.08
N ALA A 39 33.36 24.13 20.38
CA ALA A 39 32.67 25.28 20.91
C ALA A 39 33.38 25.93 22.09
N ARG A 40 32.95 27.12 22.47
CA ARG A 40 33.42 27.76 23.68
C ARG A 40 32.19 27.82 24.56
N SER A 41 32.21 27.24 25.74
CA SER A 41 31.09 27.33 26.62
C SER A 41 31.15 28.71 27.28
N LEU A 42 30.07 29.42 27.17
CA LEU A 42 29.94 30.68 27.87
C LEU A 42 29.88 30.43 29.36
N ALA A 43 29.39 29.25 29.74
CA ALA A 43 29.36 28.87 31.14
C ALA A 43 30.74 28.56 31.72
N THR A 44 31.61 27.88 31.00
CA THR A 44 32.89 27.53 31.58
C THR A 44 34.01 28.32 30.97
N ARG A 45 33.74 29.02 29.92
CA ARG A 45 34.80 29.66 29.14
C ARG A 45 35.79 28.63 28.54
N LYS A 46 35.44 27.35 28.52
CA LYS A 46 36.29 26.29 28.02
C LYS A 46 36.05 26.12 26.56
N GLU A 47 37.08 25.80 25.81
CA GLU A 47 37.00 25.49 24.38
C GLU A 47 37.17 23.99 24.16
N GLY A 48 36.38 23.29 23.35
CA GLY A 48 36.57 21.87 23.14
C GLY A 48 35.43 21.30 22.31
N TYR A 49 35.21 19.98 22.26
CA TYR A 49 34.20 19.37 21.39
C TYR A 49 32.83 19.10 22.01
N ILE A 50 31.85 19.09 21.12
CA ILE A 50 30.46 19.12 21.49
C ILE A 50 29.69 18.17 20.57
N PRO A 51 28.67 17.49 21.10
CA PRO A 51 27.89 16.58 20.29
C PRO A 51 26.90 17.44 19.51
N SER A 52 26.90 17.51 18.16
CA SER A 52 26.02 18.39 17.38
C SER A 52 24.54 18.35 17.76
N ASN A 53 24.03 17.15 17.88
CA ASN A 53 22.64 16.92 18.18
C ASN A 53 22.29 17.13 19.65
N TYR A 54 23.20 17.68 20.46
CA TYR A 54 22.87 18.02 21.82
C TYR A 54 22.39 19.44 21.95
N VAL A 55 22.72 20.23 20.93
CA VAL A 55 22.49 21.66 20.86
C VAL A 55 21.74 22.05 19.60
N ALA A 56 21.28 23.28 19.55
CA ALA A 56 20.64 23.87 18.37
C ALA A 56 20.82 25.38 18.41
N ARG A 57 20.85 26.14 17.28
CA ARG A 57 20.97 27.61 17.34
C ARG A 57 19.86 28.18 18.24
N VAL A 58 20.23 29.19 19.06
CA VAL A 58 19.35 29.76 20.09
C VAL A 58 18.00 30.27 19.62
N ASP A 59 17.07 29.96 20.53
CA ASP A 59 15.66 30.28 20.38
C ASP A 59 15.18 30.03 18.95
N SER A 60 15.52 28.85 18.42
CA SER A 60 15.04 28.42 17.11
C SER A 60 13.90 27.47 17.44
N LEU A 61 13.27 27.03 16.35
CA LEU A 61 12.20 26.05 16.36
C LEU A 61 12.53 24.82 17.23
N GLU A 62 13.78 24.34 17.18
CA GLU A 62 14.18 23.15 17.91
C GLU A 62 14.29 23.31 19.41
N THR A 63 14.35 24.56 19.89
CA THR A 63 14.57 24.86 21.28
C THR A 63 13.39 24.56 22.15
N GLU A 64 12.19 24.40 21.63
CA GLU A 64 11.06 24.34 22.54
C GLU A 64 10.67 22.94 23.05
N GLU A 65 10.13 22.82 24.30
CA GLU A 65 9.86 21.53 24.95
C GLU A 65 8.91 20.56 24.26
N TRP A 66 8.01 21.16 23.51
CA TRP A 66 6.98 20.44 22.77
C TRP A 66 7.33 20.19 21.31
N PHE A 67 8.45 20.69 20.82
CA PHE A 67 8.75 20.45 19.45
C PHE A 67 9.68 19.25 19.28
N PHE A 68 9.33 18.34 18.37
CA PHE A 68 10.16 17.19 18.12
C PHE A 68 10.64 17.19 16.68
N LYS A 69 11.93 17.44 16.48
CA LYS A 69 12.55 17.57 15.15
C LYS A 69 12.67 16.23 14.46
N GLY A 70 12.19 16.08 13.22
CA GLY A 70 12.45 14.91 12.41
C GLY A 70 11.86 13.61 12.93
N ILE A 71 10.74 13.70 13.60
CA ILE A 71 10.09 12.50 14.06
C ILE A 71 9.10 12.09 12.97
N SER A 72 9.07 10.81 12.66
CA SER A 72 8.08 10.28 11.72
C SER A 72 6.78 10.13 12.48
N ARG A 73 5.64 10.19 11.82
CA ARG A 73 4.33 10.00 12.43
C ARG A 73 4.22 8.81 13.37
N LYS A 74 4.83 7.70 12.93
CA LYS A 74 4.81 6.50 13.72
C LYS A 74 5.78 6.62 14.86
N ASP A 75 7.00 7.10 14.69
CA ASP A 75 7.84 7.22 15.85
C ASP A 75 7.23 8.16 16.85
N ALA A 76 6.46 9.14 16.43
CA ALA A 76 5.75 10.03 17.33
C ALA A 76 4.77 9.29 18.17
N GLU A 77 4.00 8.41 17.53
CA GLU A 77 3.04 7.59 18.27
C GLU A 77 3.79 6.68 19.20
N ARG A 78 4.90 6.08 18.79
CA ARG A 78 5.59 5.17 19.68
C ARG A 78 6.09 5.91 20.91
N GLN A 79 6.60 7.12 20.69
CA GLN A 79 7.15 7.95 21.76
C GLN A 79 6.14 8.47 22.75
N LEU A 80 4.99 8.83 22.20
CA LEU A 80 3.92 9.32 23.02
C LEU A 80 3.30 8.15 23.78
N LEU A 81 3.34 6.92 23.24
CA LEU A 81 2.80 5.74 23.92
C LEU A 81 3.74 5.05 24.85
N ALA A 82 4.94 5.62 24.97
CA ALA A 82 5.92 5.18 25.92
C ALA A 82 5.39 5.55 27.31
N PRO A 83 5.85 4.84 28.35
CA PRO A 83 5.57 5.17 29.76
C PRO A 83 5.85 6.63 30.16
N GLY A 84 5.03 7.24 31.03
CA GLY A 84 5.36 8.57 31.57
C GLY A 84 4.52 9.65 30.94
N ASN A 85 4.03 9.35 29.76
CA ASN A 85 3.13 10.25 29.09
C ASN A 85 1.77 9.86 29.65
N MET A 86 0.75 10.70 29.50
CA MET A 86 -0.58 10.34 29.98
C MET A 86 -1.58 11.01 29.07
N LEU A 87 -2.87 11.06 29.40
CA LEU A 87 -3.86 11.68 28.53
C LEU A 87 -3.51 13.09 28.20
N GLY A 88 -3.66 13.40 26.95
CA GLY A 88 -3.41 14.76 26.54
C GLY A 88 -1.97 15.03 26.28
N SER A 89 -1.06 14.12 26.63
CA SER A 89 0.36 14.32 26.33
C SER A 89 0.54 14.57 24.85
N PHE A 90 1.27 15.59 24.48
CA PHE A 90 1.30 15.95 23.09
C PHE A 90 2.70 16.29 22.56
N MET A 91 2.76 16.68 21.29
CA MET A 91 3.96 17.19 20.66
C MET A 91 3.56 17.77 19.35
N ILE A 92 4.43 18.66 18.89
CA ILE A 92 4.32 19.31 17.59
C ILE A 92 5.63 18.88 16.99
N ARG A 93 5.60 18.74 15.70
CA ARG A 93 6.72 18.15 15.04
C ARG A 93 6.61 18.50 13.57
N ASP A 94 7.67 18.19 12.84
CA ASP A 94 7.71 18.43 11.41
C ASP A 94 6.76 17.44 10.79
N SER A 95 5.93 17.93 9.87
CA SER A 95 4.99 17.12 9.12
C SER A 95 5.81 16.29 8.14
N GLU A 96 5.46 15.01 8.15
CA GLU A 96 6.16 14.01 7.39
C GLU A 96 5.77 13.96 5.93
N THR A 97 4.49 14.22 5.63
CA THR A 97 4.02 14.21 4.25
C THR A 97 4.00 15.63 3.65
N THR A 98 3.38 16.56 4.38
CA THR A 98 3.37 17.96 4.00
C THR A 98 4.70 18.62 4.45
N LYS A 99 5.79 18.47 3.68
CA LYS A 99 7.09 19.06 4.04
C LYS A 99 7.08 20.56 4.36
N GLY A 100 7.97 20.98 5.25
CA GLY A 100 8.11 22.39 5.62
C GLY A 100 6.94 22.90 6.47
N SER A 101 5.96 22.04 6.71
CA SER A 101 4.81 22.44 7.48
C SER A 101 4.82 21.60 8.76
N TYR A 102 3.83 21.62 9.67
CA TYR A 102 3.96 20.89 10.93
C TYR A 102 2.79 20.00 11.22
N SER A 103 2.81 19.15 12.25
CA SER A 103 1.64 18.43 12.63
C SER A 103 1.61 18.36 14.14
N LEU A 104 0.46 18.14 14.76
CA LEU A 104 0.34 18.06 16.20
C LEU A 104 -0.17 16.65 16.52
N SER A 105 0.37 15.96 17.53
CA SER A 105 -0.04 14.59 17.89
C SER A 105 -0.56 14.58 19.35
N VAL A 106 -1.62 13.84 19.75
CA VAL A 106 -2.16 13.88 21.11
C VAL A 106 -2.48 12.49 21.64
N ARG A 107 -2.05 12.14 22.84
CA ARG A 107 -2.41 10.88 23.48
C ARG A 107 -3.89 10.84 23.94
N ASP A 108 -4.68 10.09 23.21
CA ASP A 108 -6.10 9.95 23.45
C ASP A 108 -6.33 8.58 24.13
N TYR A 109 -7.57 8.15 24.32
CA TYR A 109 -7.95 6.82 24.77
C TYR A 109 -9.27 6.65 24.03
N ASP A 110 -9.52 5.45 23.51
CA ASP A 110 -10.73 5.15 22.74
C ASP A 110 -11.14 3.67 22.93
N PRO A 111 -12.15 3.49 23.78
CA PRO A 111 -12.25 2.51 24.87
C PRO A 111 -11.63 1.11 24.84
N ARG A 112 -11.91 0.49 23.69
CA ARG A 112 -11.58 -0.90 23.40
C ARG A 112 -10.08 -1.11 23.31
N GLN A 113 -9.47 -0.22 22.50
CA GLN A 113 -8.03 -0.15 22.43
C GLN A 113 -7.82 0.89 23.56
N GLY A 114 -6.73 0.80 24.34
CA GLY A 114 -6.50 1.75 25.44
C GLY A 114 -6.23 3.19 24.98
N ASP A 115 -4.98 3.62 25.13
CA ASP A 115 -4.61 4.91 24.64
C ASP A 115 -4.39 4.88 23.12
N THR A 116 -4.66 5.97 22.44
CA THR A 116 -4.44 6.05 21.02
C THR A 116 -3.56 7.27 20.83
N VAL A 117 -3.18 7.62 19.60
CA VAL A 117 -2.56 8.88 19.31
C VAL A 117 -3.29 9.30 18.02
N LYS A 118 -3.85 10.50 18.03
CA LYS A 118 -4.54 11.04 16.86
C LYS A 118 -3.69 12.24 16.42
N HIS A 119 -3.71 12.60 15.16
CA HIS A 119 -2.82 13.64 14.67
C HIS A 119 -3.67 14.63 13.92
N TYR A 120 -3.40 15.91 14.13
CA TYR A 120 -4.11 16.99 13.47
C TYR A 120 -3.07 17.67 12.64
N LYS A 121 -3.42 17.88 11.39
CA LYS A 121 -2.49 18.45 10.44
C LYS A 121 -2.33 19.92 10.77
N ILE A 122 -1.19 20.56 10.53
CA ILE A 122 -1.08 22.00 10.74
C ILE A 122 -0.70 22.53 9.35
N ARG A 123 -1.27 23.68 8.94
CA ARG A 123 -1.00 24.17 7.59
C ARG A 123 -0.31 25.51 7.65
N THR A 124 0.55 25.76 6.67
CA THR A 124 1.42 26.93 6.58
C THR A 124 1.18 27.57 5.19
N LEU A 125 0.82 28.85 5.01
CA LEU A 125 0.66 29.37 3.65
C LEU A 125 1.87 30.20 3.17
N ASP A 126 1.97 31.45 3.63
CA ASP A 126 2.98 32.40 3.24
C ASP A 126 2.78 33.56 4.21
N ASN A 127 3.92 33.87 4.83
CA ASN A 127 4.08 34.83 5.91
C ASN A 127 3.11 34.56 7.08
N GLY A 128 3.54 33.49 7.75
CA GLY A 128 2.90 32.99 8.93
C GLY A 128 1.66 32.21 8.54
N GLY A 129 0.70 32.23 9.46
CA GLY A 129 -0.59 31.58 9.24
C GLY A 129 -0.53 30.08 9.49
N PHE A 130 -0.88 29.76 10.74
CA PHE A 130 -0.95 28.39 11.18
C PHE A 130 -2.26 28.26 11.91
N TYR A 131 -2.95 27.16 11.61
CA TYR A 131 -4.21 26.83 12.24
C TYR A 131 -4.42 25.33 12.01
N ILE A 132 -5.38 24.89 12.80
CA ILE A 132 -5.97 23.58 12.68
C ILE A 132 -7.40 23.99 12.28
N SER A 133 -8.30 24.44 13.16
CA SER A 133 -9.65 24.86 12.79
C SER A 133 -9.74 26.33 12.37
N PRO A 134 -10.13 26.86 11.18
CA PRO A 134 -9.98 28.27 10.75
C PRO A 134 -10.66 29.32 11.62
N ARG A 135 -11.50 28.76 12.49
CA ARG A 135 -12.21 29.44 13.56
C ARG A 135 -11.26 30.13 14.55
N SER A 136 -9.99 29.71 14.60
CA SER A 136 -8.99 30.26 15.49
C SER A 136 -7.66 30.26 14.71
N THR A 137 -7.05 31.42 14.46
CA THR A 137 -5.81 31.52 13.66
C THR A 137 -4.61 32.05 14.46
N PHE A 138 -3.37 31.63 14.13
CA PHE A 138 -2.18 32.06 14.84
C PHE A 138 -0.90 32.20 13.97
N SER A 139 0.08 32.86 14.58
CA SER A 139 1.47 33.01 14.13
C SER A 139 2.33 32.44 15.29
N THR A 140 1.85 32.81 16.48
CA THR A 140 2.32 32.39 17.79
C THR A 140 2.11 30.88 18.05
N LEU A 141 2.97 29.98 17.57
CA LEU A 141 2.82 28.53 17.83
C LEU A 141 2.61 28.19 19.28
N GLN A 142 3.36 28.90 20.13
CA GLN A 142 3.21 28.76 21.57
C GLN A 142 1.78 29.11 22.01
N GLU A 143 1.11 30.11 21.43
CA GLU A 143 -0.24 30.47 21.89
C GLU A 143 -1.22 29.40 21.45
N LEU A 144 -0.97 28.83 20.25
CA LEU A 144 -1.76 27.71 19.76
C LEU A 144 -1.73 26.64 20.84
N VAL A 145 -0.54 26.28 21.31
CA VAL A 145 -0.45 25.20 22.26
C VAL A 145 -1.13 25.60 23.56
N ASP A 146 -0.92 26.81 24.08
CA ASP A 146 -1.47 27.19 25.37
C ASP A 146 -2.98 27.34 25.35
N HIS A 147 -3.48 27.55 24.14
CA HIS A 147 -4.90 27.64 23.90
C HIS A 147 -5.59 26.29 24.17
N TYR A 148 -4.99 25.25 23.54
CA TYR A 148 -5.54 23.90 23.55
C TYR A 148 -5.22 23.13 24.80
N LYS A 149 -4.17 23.63 25.45
CA LYS A 149 -3.78 23.19 26.77
C LYS A 149 -4.88 23.62 27.76
N LYS A 150 -5.68 24.62 27.38
CA LYS A 150 -6.74 25.09 28.23
C LYS A 150 -7.95 24.19 28.18
N GLY A 151 -8.43 23.92 26.98
CA GLY A 151 -9.60 23.08 26.82
C GLY A 151 -9.72 22.59 25.42
N ASN A 152 -10.41 21.43 25.31
CA ASN A 152 -10.61 20.70 24.07
C ASN A 152 -11.44 21.36 22.96
N ASP A 153 -10.98 22.48 22.41
CA ASP A 153 -11.73 23.17 21.36
C ASP A 153 -11.63 22.37 20.07
N GLY A 154 -12.62 21.50 19.87
CA GLY A 154 -12.74 20.74 18.64
C GLY A 154 -11.85 19.52 18.60
N LEU A 155 -10.75 19.51 19.37
CA LEU A 155 -9.88 18.35 19.46
C LEU A 155 -10.46 17.29 20.37
N CYS A 156 -9.97 16.07 20.20
CA CYS A 156 -10.43 14.94 20.95
C CYS A 156 -10.08 14.96 22.45
N GLN A 157 -9.12 15.79 22.87
CA GLN A 157 -8.68 15.89 24.26
C GLN A 157 -7.96 17.23 24.47
N LYS A 158 -7.93 17.67 25.72
CA LYS A 158 -7.28 18.91 26.13
C LYS A 158 -5.76 18.64 26.10
N LEU A 159 -4.89 19.46 25.49
CA LEU A 159 -3.46 19.17 25.46
C LEU A 159 -2.89 19.25 26.87
N SER A 160 -2.21 18.30 27.47
CA SER A 160 -1.80 18.53 28.82
C SER A 160 -0.31 18.70 28.94
N VAL A 161 0.55 17.69 28.97
CA VAL A 161 1.96 17.95 29.12
C VAL A 161 2.66 17.55 27.82
N PRO A 162 3.82 18.07 27.43
CA PRO A 162 4.61 17.51 26.34
C PRO A 162 5.03 16.06 26.53
N CYS A 163 5.46 15.50 25.41
CA CYS A 163 5.96 14.14 25.38
C CYS A 163 7.29 14.07 26.12
N MET A 164 7.58 12.96 26.79
CA MET A 164 8.85 12.74 27.46
C MET A 164 9.95 12.74 26.43
N SER A 165 11.07 13.40 26.68
CA SER A 165 12.14 13.48 25.68
C SER A 165 13.08 12.29 25.74
N SER A 166 13.52 11.82 24.58
CA SER A 166 14.53 10.76 24.55
C SER A 166 15.92 11.44 24.55
N LYS A 167 16.75 11.24 25.58
CA LYS A 167 18.11 11.78 25.57
C LYS A 167 18.83 11.03 24.45
N PRO A 168 19.71 11.59 23.62
CA PRO A 168 20.27 10.88 22.51
C PRO A 168 21.37 9.99 23.06
N GLN A 169 21.89 9.20 22.13
CA GLN A 169 23.00 8.35 22.47
C GLN A 169 24.15 9.33 22.24
N LYS A 170 25.10 9.20 23.17
CA LYS A 170 26.36 9.92 23.09
C LYS A 170 26.90 9.43 21.75
N PRO A 171 27.24 10.27 20.78
CA PRO A 171 27.95 9.85 19.59
C PRO A 171 29.28 9.20 19.95
N TRP A 172 29.76 8.41 19.02
CA TRP A 172 31.04 7.73 19.17
C TRP A 172 32.17 8.75 18.94
N GLU A 173 33.39 8.54 19.51
CA GLU A 173 34.58 9.35 19.30
C GLU A 173 34.92 9.68 17.83
N LYS A 174 35.59 10.81 17.57
CA LYS A 174 36.00 11.22 16.22
C LYS A 174 37.25 10.41 15.90
N ASP A 175 37.47 9.93 14.67
CA ASP A 175 38.66 9.15 14.24
C ASP A 175 38.97 7.82 14.97
N ALA A 176 37.96 7.40 15.74
CA ALA A 176 37.96 6.13 16.44
C ALA A 176 37.25 5.07 15.61
N TRP A 177 37.50 5.01 14.31
CA TRP A 177 36.90 3.96 13.51
C TRP A 177 37.71 2.71 13.60
N GLU A 178 39.02 2.89 13.36
CA GLU A 178 40.01 1.82 13.37
C GLU A 178 40.39 1.86 14.84
N ILE A 179 40.22 0.77 15.58
CA ILE A 179 40.46 0.81 17.00
C ILE A 179 41.53 -0.17 17.45
N PRO A 180 42.40 0.17 18.40
CA PRO A 180 43.31 -0.74 19.07
C PRO A 180 42.57 -1.60 20.09
N ARG A 181 42.96 -2.90 20.16
CA ARG A 181 42.22 -3.82 20.99
C ARG A 181 42.20 -3.42 22.46
N GLU A 182 43.26 -2.74 22.90
CA GLU A 182 43.43 -2.38 24.28
C GLU A 182 42.36 -1.48 24.80
N SER A 183 41.63 -0.83 23.92
CA SER A 183 40.61 0.07 24.38
C SER A 183 39.39 -0.67 24.92
N LEU A 184 39.38 -2.00 24.82
CA LEU A 184 38.19 -2.76 25.09
C LEU A 184 38.34 -3.76 26.22
N LYS A 185 37.43 -3.75 27.20
CA LYS A 185 37.41 -4.77 28.22
C LYS A 185 36.25 -5.68 27.87
N LEU A 186 36.50 -6.89 27.35
CA LEU A 186 35.41 -7.74 26.92
C LEU A 186 35.07 -8.49 28.17
N GLU A 187 33.90 -8.05 28.64
CA GLU A 187 33.46 -8.41 29.95
C GLU A 187 32.61 -9.61 30.11
N LYS A 188 31.62 -9.83 29.25
CA LYS A 188 30.70 -10.94 29.48
C LYS A 188 30.37 -11.53 28.12
N LYS A 189 30.60 -12.81 27.97
CA LYS A 189 30.29 -13.53 26.77
C LYS A 189 28.79 -13.62 26.59
N LEU A 190 28.24 -12.93 25.60
CA LEU A 190 26.82 -13.03 25.30
C LEU A 190 26.47 -14.25 24.43
N GLY A 191 27.33 -14.68 23.52
CA GLY A 191 27.00 -15.84 22.71
C GLY A 191 28.23 -16.35 21.98
N ALA A 192 28.20 -17.64 21.60
CA ALA A 192 29.30 -18.31 20.92
C ALA A 192 28.84 -18.96 19.65
N GLY A 193 28.28 -18.16 18.74
CA GLY A 193 27.65 -18.65 17.52
C GLY A 193 28.45 -19.17 16.30
N GLN A 194 29.24 -20.27 16.46
CA GLN A 194 29.98 -20.97 15.39
C GLN A 194 31.08 -20.27 14.57
N PHE A 195 30.97 -18.98 14.24
CA PHE A 195 31.98 -18.23 13.50
C PHE A 195 32.70 -17.16 14.34
N GLY A 196 32.28 -17.06 15.59
CA GLY A 196 32.79 -16.05 16.46
C GLY A 196 31.95 -16.07 17.70
N GLU A 197 32.07 -15.05 18.53
CA GLU A 197 31.37 -14.96 19.81
C GLU A 197 30.91 -13.53 19.91
N VAL A 198 29.97 -13.16 20.74
CA VAL A 198 29.61 -11.75 20.92
C VAL A 198 29.82 -11.56 22.41
N TRP A 199 30.51 -10.50 22.74
CA TRP A 199 30.86 -10.19 24.08
C TRP A 199 30.25 -8.86 24.35
N MET A 200 29.67 -8.69 25.51
CA MET A 200 29.27 -7.39 25.97
C MET A 200 30.62 -6.77 26.35
N ALA A 201 30.89 -5.52 26.06
CA ALA A 201 32.21 -4.98 26.39
C ALA A 201 32.25 -3.52 26.85
N THR A 202 33.41 -2.95 27.13
CA THR A 202 33.49 -1.54 27.45
C THR A 202 34.63 -0.90 26.71
N TYR A 203 34.31 0.18 26.01
CA TYR A 203 35.23 0.96 25.23
C TYR A 203 35.68 2.12 26.10
N ASN A 204 37.00 2.23 26.28
CA ASN A 204 37.63 3.32 27.01
C ASN A 204 36.92 3.73 28.29
N LYS A 205 36.64 2.70 29.08
CA LYS A 205 36.06 2.79 30.40
C LYS A 205 34.67 3.35 30.46
N HIS A 206 34.05 3.99 29.48
CA HIS A 206 32.74 4.62 29.72
C HIS A 206 31.63 4.35 28.73
N THR A 207 31.91 3.60 27.67
CA THR A 207 30.92 3.47 26.62
C THR A 207 30.61 1.99 26.58
N LYS A 208 29.36 1.56 26.70
CA LYS A 208 29.03 0.15 26.71
C LYS A 208 28.74 -0.25 25.27
N VAL A 209 29.36 -1.31 24.80
CA VAL A 209 29.20 -1.69 23.41
C VAL A 209 29.03 -3.19 23.27
N ALA A 210 28.88 -3.77 22.10
CA ALA A 210 28.89 -5.20 21.97
C ALA A 210 30.03 -5.49 21.00
N VAL A 211 30.79 -6.60 21.15
CA VAL A 211 31.90 -6.93 20.26
C VAL A 211 31.75 -8.31 19.67
N LYS A 212 31.69 -8.54 18.36
CA LYS A 212 31.62 -9.87 17.79
C LYS A 212 33.08 -10.14 17.59
N THR A 213 33.60 -11.27 18.09
CA THR A 213 34.99 -11.61 17.93
C THR A 213 34.98 -12.60 16.79
N MET A 214 35.63 -12.32 15.67
CA MET A 214 35.57 -13.20 14.53
C MET A 214 36.71 -14.18 14.43
N LYS A 215 36.40 -15.50 14.46
CA LYS A 215 37.38 -16.59 14.34
C LYS A 215 38.31 -16.48 13.15
N PRO A 216 39.64 -16.65 13.21
CA PRO A 216 40.58 -16.30 12.15
C PRO A 216 40.29 -16.88 10.78
N GLY A 217 39.62 -18.03 10.70
CA GLY A 217 39.21 -18.54 9.39
C GLY A 217 38.24 -17.60 8.62
N SER A 218 37.16 -17.23 9.33
CA SER A 218 35.98 -16.48 8.87
C SER A 218 35.92 -15.60 7.62
N MET A 219 36.75 -14.56 7.51
CA MET A 219 36.60 -13.62 6.42
C MET A 219 37.92 -12.97 6.07
N SER A 220 37.95 -12.63 4.79
CA SER A 220 39.15 -12.14 4.16
C SER A 220 39.30 -10.73 4.70
N VAL A 221 40.32 -10.42 5.50
CA VAL A 221 40.49 -9.12 6.15
C VAL A 221 40.15 -7.93 5.26
N GLU A 222 40.87 -7.80 4.15
CA GLU A 222 40.69 -6.74 3.15
C GLU A 222 39.24 -6.53 2.67
N ALA A 223 38.59 -7.69 2.48
CA ALA A 223 37.22 -7.79 2.00
C ALA A 223 36.24 -7.38 3.08
N PHE A 224 36.60 -7.67 4.35
CA PHE A 224 35.77 -7.33 5.48
C PHE A 224 35.78 -5.83 5.60
N LEU A 225 36.98 -5.26 5.62
CA LEU A 225 37.12 -3.83 5.73
C LEU A 225 36.30 -3.11 4.68
N ALA A 226 36.35 -3.68 3.48
CA ALA A 226 35.51 -3.19 2.42
C ALA A 226 34.01 -3.23 2.76
N GLU A 227 33.40 -4.40 2.98
CA GLU A 227 31.96 -4.50 3.19
C GLU A 227 31.54 -3.67 4.38
N ALA A 228 32.39 -3.54 5.40
CA ALA A 228 32.12 -2.74 6.56
C ALA A 228 32.20 -1.25 6.28
N ASN A 229 33.04 -0.73 5.39
CA ASN A 229 33.02 0.71 5.12
C ASN A 229 31.76 1.13 4.38
N VAL A 230 31.19 0.18 3.68
CA VAL A 230 29.87 0.36 3.12
C VAL A 230 28.94 0.32 4.35
N MET A 231 28.94 -0.79 5.10
CA MET A 231 28.02 -1.03 6.21
C MET A 231 27.83 0.11 7.18
N LYS A 232 28.87 0.82 7.60
CA LYS A 232 28.70 1.90 8.56
C LYS A 232 27.85 3.01 7.99
N THR A 233 27.72 3.13 6.68
CA THR A 233 26.98 4.23 6.07
C THR A 233 25.46 4.15 6.25
N LEU A 234 24.95 2.95 6.58
CA LEU A 234 23.53 2.73 6.77
C LEU A 234 23.08 3.20 8.13
N GLN A 235 23.00 4.52 8.20
CA GLN A 235 22.65 5.23 9.41
C GLN A 235 21.13 5.28 9.44
N HIS A 236 20.53 4.46 10.30
CA HIS A 236 19.09 4.48 10.41
C HIS A 236 18.77 4.04 11.81
N ASP A 237 17.74 4.68 12.37
CA ASP A 237 17.25 4.34 13.67
C ASP A 237 16.84 2.90 13.81
N LYS A 238 16.40 2.15 12.81
CA LYS A 238 16.07 0.74 13.07
C LYS A 238 17.14 -0.24 12.59
N LEU A 239 18.39 0.18 12.48
CA LEU A 239 19.47 -0.74 12.16
C LEU A 239 20.50 -0.46 13.25
N VAL A 240 21.28 -1.48 13.61
CA VAL A 240 22.24 -1.31 14.67
C VAL A 240 23.44 -0.46 14.23
N LYS A 241 23.83 0.57 15.01
CA LYS A 241 24.95 1.39 14.59
C LYS A 241 26.17 0.50 14.72
N LEU A 242 26.90 0.45 13.62
CA LEU A 242 28.20 -0.18 13.60
C LEU A 242 29.10 0.99 13.99
N HIS A 243 30.00 0.78 14.98
CA HIS A 243 30.81 1.86 15.52
C HIS A 243 32.28 1.89 15.13
N ALA A 244 32.95 0.74 15.22
CA ALA A 244 34.38 0.66 14.99
C ALA A 244 34.73 -0.78 14.76
N VAL A 245 35.95 -1.01 14.27
CA VAL A 245 36.44 -2.37 14.07
C VAL A 245 37.86 -2.47 14.58
N VAL A 246 38.29 -3.66 14.97
CA VAL A 246 39.68 -3.90 15.27
C VAL A 246 40.10 -4.67 14.02
N THR A 247 40.98 -3.96 13.35
CA THR A 247 41.43 -4.33 12.02
C THR A 247 42.28 -5.57 11.97
N LYS A 248 42.92 -5.88 13.09
CA LYS A 248 43.96 -6.91 13.11
C LYS A 248 43.37 -8.26 13.48
N GLU A 249 43.74 -9.36 12.82
CA GLU A 249 43.15 -10.64 13.20
C GLU A 249 43.44 -11.03 14.65
N PRO A 250 42.48 -11.48 15.43
CA PRO A 250 41.10 -11.69 15.03
C PRO A 250 40.27 -10.44 14.87
N ILE A 251 39.45 -10.35 13.83
CA ILE A 251 38.66 -9.14 13.65
C ILE A 251 37.67 -8.97 14.84
N TYR A 252 37.51 -7.76 15.36
CA TYR A 252 36.44 -7.50 16.33
C TYR A 252 35.53 -6.42 15.75
N ILE A 253 34.22 -6.60 15.86
CA ILE A 253 33.27 -5.67 15.30
C ILE A 253 32.53 -5.00 16.46
N ILE A 254 32.63 -3.68 16.62
CA ILE A 254 32.02 -3.04 17.76
C ILE A 254 30.77 -2.37 17.27
N THR A 255 29.65 -2.79 17.85
CA THR A 255 28.32 -2.26 17.52
C THR A 255 27.67 -1.79 18.77
N GLU A 256 26.56 -1.12 18.67
CA GLU A 256 25.93 -0.60 19.89
C GLU A 256 25.35 -1.69 20.78
N PHE A 257 25.27 -1.54 22.08
CA PHE A 257 24.70 -2.61 22.90
C PHE A 257 23.21 -2.48 22.86
N MET A 258 22.52 -3.63 22.72
CA MET A 258 21.06 -3.76 22.70
C MET A 258 20.64 -4.61 23.88
N ALA A 259 20.10 -4.00 24.94
CA ALA A 259 19.84 -4.67 26.21
C ALA A 259 18.94 -5.89 26.34
N LYS A 260 17.88 -5.99 25.54
CA LYS A 260 16.99 -7.15 25.74
C LYS A 260 17.32 -8.37 24.85
N GLY A 261 18.45 -8.22 24.14
CA GLY A 261 19.04 -9.35 23.43
C GLY A 261 18.45 -9.48 22.06
N SER A 262 18.16 -10.69 21.57
CA SER A 262 17.60 -10.80 20.23
C SER A 262 16.11 -10.82 20.32
N LEU A 263 15.45 -10.70 19.19
CA LEU A 263 13.99 -10.75 19.20
C LEU A 263 13.53 -12.20 19.46
N LEU A 264 14.25 -13.19 18.94
CA LEU A 264 13.92 -14.56 19.25
C LEU A 264 14.02 -14.78 20.77
N ASP A 265 15.12 -14.40 21.44
CA ASP A 265 15.25 -14.55 22.88
C ASP A 265 14.17 -13.76 23.57
N PHE A 266 13.87 -12.55 23.08
CA PHE A 266 12.89 -11.76 23.76
C PHE A 266 11.53 -12.43 23.62
N LEU A 267 11.11 -12.88 22.46
CA LEU A 267 9.80 -13.45 22.33
C LEU A 267 9.62 -14.68 23.19
N LYS A 268 10.66 -15.48 23.38
CA LYS A 268 10.55 -16.67 24.21
C LYS A 268 10.64 -16.36 25.70
N SER A 269 10.69 -15.10 26.13
CA SER A 269 10.86 -14.77 27.54
C SER A 269 9.54 -14.57 28.27
N ASP A 270 9.62 -13.96 29.47
CA ASP A 270 8.48 -13.62 30.31
C ASP A 270 7.72 -12.47 29.68
N GLU A 271 8.42 -11.33 29.52
CA GLU A 271 7.87 -10.09 28.98
C GLU A 271 7.55 -10.34 27.53
N GLY A 272 8.26 -11.29 26.89
CA GLY A 272 8.01 -11.74 25.55
C GLY A 272 6.66 -12.38 25.36
N SER A 273 6.33 -13.46 26.09
CA SER A 273 5.05 -14.13 25.96
C SER A 273 3.87 -13.28 26.40
N LYS A 274 4.06 -12.14 27.07
CA LYS A 274 2.99 -11.20 27.45
C LYS A 274 2.62 -10.17 26.38
N GLN A 275 3.36 -10.04 25.29
CA GLN A 275 3.12 -8.96 24.33
C GLN A 275 1.95 -9.26 23.41
N PRO A 276 0.90 -8.42 23.33
CA PRO A 276 -0.18 -8.65 22.43
C PRO A 276 0.23 -8.45 20.99
N LEU A 277 -0.67 -9.05 20.23
CA LEU A 277 -0.63 -8.98 18.81
C LEU A 277 -0.48 -7.57 18.26
N PRO A 278 -1.16 -6.46 18.61
CA PRO A 278 -0.90 -5.18 18.01
C PRO A 278 0.51 -4.68 18.25
N LYS A 279 1.19 -5.23 19.30
CA LYS A 279 2.59 -4.89 19.58
C LYS A 279 3.49 -5.77 18.74
N LEU A 280 3.17 -7.05 18.57
CA LEU A 280 3.98 -7.86 17.71
C LEU A 280 4.03 -7.35 16.29
N ILE A 281 2.89 -6.80 15.82
CA ILE A 281 2.77 -6.22 14.47
C ILE A 281 3.59 -4.94 14.37
N ASP A 282 3.63 -4.18 15.47
CA ASP A 282 4.41 -2.94 15.51
C ASP A 282 5.87 -3.31 15.47
N PHE A 283 6.23 -4.52 15.94
CA PHE A 283 7.58 -4.99 15.87
C PHE A 283 7.88 -5.28 14.43
N SER A 284 7.01 -6.05 13.81
CA SER A 284 7.12 -6.31 12.40
C SER A 284 7.27 -5.07 11.62
N ALA A 285 6.51 -4.06 12.01
CA ALA A 285 6.49 -2.85 11.25
C ALA A 285 7.83 -2.22 11.44
N GLN A 286 8.39 -2.29 12.63
CA GLN A 286 9.69 -1.70 12.83
C GLN A 286 10.78 -2.37 12.00
N ILE A 287 10.80 -3.68 11.92
CA ILE A 287 11.80 -4.40 11.16
C ILE A 287 11.55 -3.96 9.72
N ALA A 288 10.34 -4.03 9.19
CA ALA A 288 10.02 -3.60 7.84
C ALA A 288 10.47 -2.20 7.56
N GLU A 289 10.34 -1.24 8.46
CA GLU A 289 10.91 0.08 8.25
C GLU A 289 12.41 0.07 8.03
N GLY A 290 13.12 -0.79 8.76
CA GLY A 290 14.56 -0.92 8.64
C GLY A 290 14.90 -1.49 7.27
N MET A 291 14.27 -2.64 7.01
CA MET A 291 14.37 -3.30 5.75
C MET A 291 14.03 -2.37 4.60
N ALA A 292 13.07 -1.49 4.71
CA ALA A 292 12.73 -0.57 3.64
C ALA A 292 13.76 0.49 3.34
N PHE A 293 14.50 0.84 4.39
CA PHE A 293 15.61 1.75 4.25
C PHE A 293 16.73 0.98 3.57
N ILE A 294 17.06 -0.24 3.99
CA ILE A 294 18.09 -1.07 3.36
C ILE A 294 17.78 -1.15 1.90
N GLU A 295 16.54 -1.33 1.59
CA GLU A 295 16.08 -1.44 0.22
C GLU A 295 16.34 -0.19 -0.59
N GLN A 296 16.09 0.94 0.06
CA GLN A 296 16.13 2.27 -0.54
C GLN A 296 17.57 2.67 -0.83
N ARG A 297 18.45 2.20 0.05
CA ARG A 297 19.89 2.38 -0.06
C ARG A 297 20.48 1.27 -0.94
N ASN A 298 19.68 0.43 -1.62
CA ASN A 298 20.09 -0.62 -2.55
C ASN A 298 20.95 -1.68 -1.94
N TYR A 299 20.77 -1.97 -0.67
CA TYR A 299 21.63 -2.96 -0.07
C TYR A 299 20.82 -4.23 0.10
N ILE A 300 21.48 -5.27 0.57
CA ILE A 300 20.87 -6.55 0.77
C ILE A 300 21.32 -7.00 2.18
N HIS A 301 20.40 -7.42 3.03
CA HIS A 301 20.77 -7.93 4.32
C HIS A 301 20.91 -9.43 4.05
N ARG A 302 22.02 -10.13 3.78
CA ARG A 302 21.88 -11.52 3.33
C ARG A 302 21.12 -12.50 4.23
N ASP A 303 21.00 -12.50 5.58
CA ASP A 303 20.03 -13.42 6.19
C ASP A 303 19.05 -12.80 7.21
N LEU A 304 17.80 -12.51 6.84
CA LEU A 304 16.88 -11.94 7.79
C LEU A 304 16.23 -13.00 8.67
N ARG A 305 16.20 -12.92 10.00
CA ARG A 305 15.42 -13.82 10.85
C ARG A 305 15.40 -13.22 12.22
N ALA A 306 14.48 -13.56 13.12
CA ALA A 306 14.34 -12.94 14.45
C ALA A 306 15.59 -13.04 15.31
N ALA A 307 16.38 -14.03 14.95
CA ALA A 307 17.67 -14.25 15.51
C ALA A 307 18.59 -13.09 15.27
N ASN A 308 18.37 -12.33 14.21
CA ASN A 308 19.17 -11.20 13.79
C ASN A 308 18.56 -9.86 13.93
N ILE A 309 17.56 -9.77 14.79
CA ILE A 309 16.88 -8.51 15.10
C ILE A 309 17.18 -8.44 16.60
N LEU A 310 17.49 -7.27 17.16
CA LEU A 310 17.79 -7.13 18.58
C LEU A 310 16.84 -6.14 19.23
N VAL A 311 16.62 -6.12 20.54
CA VAL A 311 15.62 -5.26 21.13
C VAL A 311 16.30 -4.32 22.09
N SER A 312 16.15 -3.00 22.03
CA SER A 312 16.72 -2.08 22.98
C SER A 312 15.89 -2.13 24.30
N ALA A 313 16.35 -1.44 25.37
CA ALA A 313 15.63 -1.40 26.65
C ALA A 313 14.16 -0.99 26.48
N SER A 314 13.94 0.04 25.65
CA SER A 314 12.61 0.54 25.27
C SER A 314 11.81 -0.29 24.26
N LEU A 315 12.15 -1.56 24.00
CA LEU A 315 11.41 -2.40 23.08
C LEU A 315 11.41 -1.93 21.64
N VAL A 316 12.51 -1.33 21.20
CA VAL A 316 12.67 -0.91 19.82
C VAL A 316 13.34 -2.07 19.09
N CYS A 317 12.90 -2.52 17.95
CA CYS A 317 13.61 -3.58 17.25
C CYS A 317 14.63 -3.04 16.24
N LYS A 318 15.90 -3.41 16.32
CA LYS A 318 16.87 -3.00 15.31
C LYS A 318 17.43 -4.22 14.54
N ILE A 319 17.74 -4.08 13.27
CA ILE A 319 18.36 -5.15 12.46
C ILE A 319 19.86 -5.23 12.72
N ALA A 320 20.38 -6.42 13.02
CA ALA A 320 21.79 -6.54 13.27
C ALA A 320 22.39 -7.34 12.13
N ASP A 321 23.71 -7.20 11.88
CA ASP A 321 24.46 -7.97 10.87
C ASP A 321 23.94 -7.88 9.47
N PHE A 322 24.45 -7.00 8.63
CA PHE A 322 23.86 -6.88 7.32
C PHE A 322 24.65 -7.62 6.22
N GLY A 323 25.94 -7.29 6.06
CA GLY A 323 26.76 -7.86 5.04
C GLY A 323 27.44 -9.07 5.60
N LEU A 324 27.33 -10.09 4.75
CA LEU A 324 27.99 -11.36 4.90
C LEU A 324 28.79 -11.72 3.66
N ALA A 325 30.03 -11.44 4.04
CA ALA A 325 31.24 -11.59 3.28
C ALA A 325 31.97 -12.63 4.12
N ARG A 326 31.41 -13.83 4.30
CA ARG A 326 32.02 -14.88 5.10
C ARG A 326 32.52 -15.95 4.12
N VAL A 327 33.13 -17.09 4.53
CA VAL A 327 33.58 -18.16 3.62
C VAL A 327 33.40 -19.65 4.10
N GLY A 328 32.65 -20.66 3.54
CA GLY A 328 32.59 -22.05 4.10
C GLY A 328 31.89 -23.13 3.25
N ALA A 329 24.90 -26.73 6.77
CA ALA A 329 24.89 -27.47 8.04
C ALA A 329 23.87 -26.86 9.02
N LYS A 330 24.19 -25.89 9.91
CA LYS A 330 23.20 -25.18 10.73
C LYS A 330 23.04 -23.76 10.15
N PHE A 331 22.76 -23.76 8.85
CA PHE A 331 22.63 -22.60 7.97
C PHE A 331 21.12 -22.31 7.91
N PRO A 332 20.64 -21.06 7.85
CA PRO A 332 19.22 -20.69 7.83
C PRO A 332 18.22 -21.08 6.71
N ILE A 333 18.31 -22.30 6.16
CA ILE A 333 17.45 -22.82 5.10
C ILE A 333 15.98 -22.46 5.22
N LYS A 334 15.39 -22.60 6.41
CA LYS A 334 13.98 -22.34 6.63
C LYS A 334 13.54 -20.93 6.30
N TRP A 335 14.50 -20.00 6.40
CA TRP A 335 14.36 -18.58 6.12
C TRP A 335 14.85 -18.23 4.73
N THR A 336 15.32 -19.18 3.96
CA THR A 336 15.92 -18.87 2.69
C THR A 336 14.95 -19.16 1.54
N ALA A 337 14.87 -18.10 0.72
CA ALA A 337 14.11 -18.14 -0.51
C ALA A 337 14.69 -19.16 -1.49
N PRO A 338 13.89 -19.96 -2.19
CA PRO A 338 14.26 -20.83 -3.29
C PRO A 338 15.32 -20.42 -4.29
N GLU A 339 15.33 -19.25 -4.90
CA GLU A 339 16.38 -18.90 -5.87
C GLU A 339 17.79 -18.93 -5.27
N ALA A 340 17.84 -18.60 -3.97
CA ALA A 340 19.04 -18.55 -3.14
C ALA A 340 19.43 -19.96 -2.76
N ILE A 341 18.52 -20.70 -2.10
CA ILE A 341 18.78 -22.08 -1.72
C ILE A 341 19.42 -22.94 -2.84
N ASN A 342 19.06 -22.63 -4.10
CA ASN A 342 19.56 -23.36 -5.25
C ASN A 342 20.66 -22.59 -5.95
N PHE A 343 20.39 -21.39 -6.48
CA PHE A 343 21.38 -20.70 -7.31
C PHE A 343 22.24 -19.66 -6.62
N GLY A 344 22.08 -19.54 -5.30
CA GLY A 344 22.78 -18.52 -4.55
C GLY A 344 22.47 -17.10 -5.03
N SER A 345 21.30 -16.87 -5.62
CA SER A 345 20.97 -15.52 -6.04
C SER A 345 20.40 -14.89 -4.77
N PHE A 346 20.96 -13.75 -4.34
CA PHE A 346 20.40 -13.04 -3.21
C PHE A 346 20.09 -11.65 -3.72
N THR A 347 18.84 -11.29 -3.43
CA THR A 347 18.23 -10.01 -3.75
C THR A 347 17.53 -9.46 -2.52
N ILE A 348 16.98 -8.27 -2.70
CA ILE A 348 16.08 -7.75 -1.69
C ILE A 348 14.89 -8.66 -1.67
N LYS A 349 14.59 -9.29 -2.82
CA LYS A 349 13.45 -10.18 -2.92
C LYS A 349 13.74 -11.41 -2.14
N SER A 350 14.96 -11.90 -2.00
CA SER A 350 15.07 -13.10 -1.22
C SER A 350 14.84 -12.74 0.24
N ASP A 351 15.26 -11.52 0.59
CA ASP A 351 15.07 -11.00 1.91
C ASP A 351 13.60 -10.86 2.26
N VAL A 352 12.82 -10.37 1.30
CA VAL A 352 11.41 -10.30 1.45
C VAL A 352 10.96 -11.68 1.82
N TRP A 353 11.35 -12.78 1.18
CA TRP A 353 10.91 -14.12 1.61
C TRP A 353 11.20 -14.28 3.11
N SER A 354 12.43 -13.93 3.46
CA SER A 354 12.88 -14.03 4.83
C SER A 354 12.03 -13.20 5.78
N PHE A 355 11.55 -12.03 5.38
CA PHE A 355 10.73 -11.21 6.22
C PHE A 355 9.40 -11.93 6.46
N GLY A 356 8.99 -12.74 5.50
CA GLY A 356 7.72 -13.42 5.58
C GLY A 356 7.81 -14.44 6.65
N ILE A 357 8.92 -15.16 6.59
CA ILE A 357 9.15 -16.22 7.58
C ILE A 357 9.27 -15.61 8.97
N LEU A 358 9.97 -14.46 8.99
CA LEU A 358 10.20 -13.73 10.20
C LEU A 358 8.86 -13.30 10.82
N LEU A 359 7.95 -12.87 9.98
CA LEU A 359 6.65 -12.46 10.44
C LEU A 359 6.05 -13.62 11.16
N MET A 360 6.29 -14.80 10.64
CA MET A 360 5.75 -15.98 11.24
C MET A 360 6.43 -16.12 12.56
N GLU A 361 7.75 -16.10 12.64
CA GLU A 361 8.44 -16.23 13.93
C GLU A 361 7.90 -15.27 14.96
N ILE A 362 7.64 -14.04 14.56
CA ILE A 362 7.13 -13.04 15.49
C ILE A 362 5.79 -13.53 15.95
N VAL A 363 4.89 -13.88 15.05
CA VAL A 363 3.53 -14.18 15.44
C VAL A 363 3.53 -15.45 16.25
N THR A 364 4.47 -16.41 16.07
CA THR A 364 4.47 -17.57 16.95
C THR A 364 5.41 -17.52 18.11
N TYR A 365 5.77 -16.31 18.55
CA TYR A 365 6.62 -16.12 19.70
C TYR A 365 7.92 -16.90 19.65
N GLY A 366 8.62 -16.73 18.54
CA GLY A 366 9.89 -17.40 18.38
C GLY A 366 9.74 -18.88 18.14
N ARG A 367 8.52 -19.42 17.95
CA ARG A 367 8.36 -20.82 17.61
C ARG A 367 8.98 -21.03 16.23
N ILE A 368 9.92 -21.96 16.28
CA ILE A 368 10.75 -22.31 15.17
C ILE A 368 9.97 -22.69 13.91
N PRO A 369 10.49 -22.24 12.75
CA PRO A 369 9.88 -22.34 11.45
C PRO A 369 9.04 -23.53 11.07
N TYR A 370 9.44 -24.50 10.27
CA TYR A 370 8.44 -25.45 9.80
C TYR A 370 8.58 -26.51 10.86
N PRO A 371 7.70 -26.57 11.85
CA PRO A 371 7.94 -27.39 13.04
C PRO A 371 8.00 -28.86 12.63
N GLY A 372 8.88 -29.63 13.25
CA GLY A 372 9.02 -31.02 12.91
C GLY A 372 10.00 -31.17 11.77
N MET A 373 9.52 -30.90 10.55
CA MET A 373 10.29 -31.22 9.34
C MET A 373 11.63 -30.56 9.25
N SER A 374 12.58 -31.43 9.52
CA SER A 374 13.92 -30.98 9.55
C SER A 374 14.46 -30.89 8.11
N ASN A 375 14.80 -29.64 7.88
CA ASN A 375 15.54 -29.14 6.73
C ASN A 375 15.39 -29.84 5.38
N PRO A 376 16.06 -30.79 4.65
CA PRO A 376 15.80 -31.05 3.24
C PRO A 376 14.38 -31.52 2.97
N GLU A 377 13.66 -31.93 4.03
CA GLU A 377 12.24 -32.19 3.95
C GLU A 377 11.61 -30.90 3.45
N VAL A 378 11.95 -29.79 4.09
CA VAL A 378 11.51 -28.47 3.69
C VAL A 378 12.01 -28.08 2.30
N ILE A 379 13.23 -28.39 1.84
CA ILE A 379 13.63 -27.92 0.52
C ILE A 379 12.74 -28.54 -0.57
N ARG A 380 12.37 -29.82 -0.45
CA ARG A 380 11.52 -30.43 -1.47
C ARG A 380 10.08 -30.06 -1.25
N ALA A 381 9.64 -29.87 -0.01
CA ALA A 381 8.29 -29.41 0.27
C ALA A 381 7.94 -28.08 -0.38
N LEU A 382 8.93 -27.23 -0.61
CA LEU A 382 8.69 -25.98 -1.33
C LEU A 382 8.70 -26.14 -2.85
N GLU A 383 9.37 -27.20 -3.38
CA GLU A 383 9.35 -27.54 -4.82
C GLU A 383 7.93 -27.96 -5.16
N ARG A 384 7.31 -28.64 -4.17
CA ARG A 384 5.92 -29.08 -4.22
C ARG A 384 4.89 -27.96 -3.95
N GLY A 385 5.37 -26.76 -3.59
CA GLY A 385 4.53 -25.59 -3.38
C GLY A 385 3.88 -25.48 -2.01
N TYR A 386 4.22 -26.26 -0.96
CA TYR A 386 3.59 -26.09 0.35
C TYR A 386 4.10 -24.79 0.92
N ARG A 387 3.29 -24.22 1.79
CA ARG A 387 3.70 -23.09 2.55
C ARG A 387 3.12 -23.38 3.91
N MET A 388 3.65 -22.83 4.98
CA MET A 388 3.18 -23.12 6.35
C MET A 388 1.76 -22.62 6.60
N PRO A 389 0.87 -23.32 7.31
CA PRO A 389 -0.48 -22.86 7.68
C PRO A 389 -0.59 -21.62 8.58
N ARG A 390 -1.81 -21.07 8.64
CA ARG A 390 -2.07 -19.90 9.45
C ARG A 390 -2.20 -20.23 10.92
N PRO A 391 -1.35 -19.77 11.84
CA PRO A 391 -1.57 -19.80 13.28
C PRO A 391 -2.93 -19.27 13.70
N GLU A 392 -3.66 -19.93 14.56
CA GLU A 392 -4.96 -19.44 14.97
C GLU A 392 -4.94 -18.12 15.72
N ASN A 393 -3.79 -17.57 16.09
CA ASN A 393 -3.75 -16.25 16.74
C ASN A 393 -3.48 -15.11 15.76
N CYS A 394 -3.17 -15.49 14.50
CA CYS A 394 -2.66 -14.64 13.44
C CYS A 394 -3.80 -14.11 12.60
N PRO A 395 -4.01 -12.81 12.36
CA PRO A 395 -4.98 -12.36 11.41
C PRO A 395 -4.65 -12.75 9.98
N GLU A 396 -5.73 -13.02 9.21
CA GLU A 396 -5.70 -13.47 7.83
C GLU A 396 -4.93 -12.47 7.05
N GLU A 397 -5.12 -11.19 7.30
CA GLU A 397 -4.49 -10.17 6.49
C GLU A 397 -2.98 -10.06 6.75
N LEU A 398 -2.44 -10.60 7.86
CA LEU A 398 -0.99 -10.60 8.11
C LEU A 398 -0.48 -11.83 7.37
N TYR A 399 -1.30 -12.88 7.46
CA TYR A 399 -1.05 -14.14 6.80
C TYR A 399 -0.94 -13.89 5.31
N ASN A 400 -1.81 -13.05 4.81
CA ASN A 400 -1.77 -12.71 3.42
C ASN A 400 -0.42 -12.04 3.07
N ILE A 401 0.09 -11.13 3.91
CA ILE A 401 1.37 -10.51 3.64
C ILE A 401 2.44 -11.58 3.57
N MET A 402 2.41 -12.53 4.52
CA MET A 402 3.41 -13.60 4.50
C MET A 402 3.41 -14.37 3.20
N MET A 403 2.21 -14.78 2.86
CA MET A 403 1.96 -15.48 1.64
C MET A 403 2.54 -14.73 0.46
N ARG A 404 2.37 -13.42 0.40
CA ARG A 404 2.87 -12.62 -0.67
C ARG A 404 4.38 -12.55 -0.68
N CYS A 405 5.02 -12.57 0.46
CA CYS A 405 6.46 -12.66 0.49
C CYS A 405 6.90 -14.00 -0.09
N TRP A 406 6.14 -15.05 0.18
CA TRP A 406 6.47 -16.37 -0.29
C TRP A 406 6.02 -16.68 -1.71
N LYS A 407 5.94 -15.63 -2.54
CA LYS A 407 5.45 -15.75 -3.89
C LYS A 407 6.64 -16.25 -4.68
N ASN A 408 6.67 -17.58 -4.86
CA ASN A 408 7.66 -18.29 -5.66
C ASN A 408 8.50 -17.55 -6.69
N ARG A 409 7.88 -16.67 -7.46
CA ARG A 409 8.61 -15.86 -8.44
C ARG A 409 9.03 -14.55 -7.79
N PRO A 410 10.31 -14.29 -7.50
CA PRO A 410 10.76 -13.26 -6.60
C PRO A 410 10.26 -11.85 -6.95
N GLU A 411 10.18 -11.41 -8.19
CA GLU A 411 9.74 -10.05 -8.51
C GLU A 411 8.25 -9.83 -8.35
N GLU A 412 7.54 -10.89 -7.95
CA GLU A 412 6.13 -10.82 -7.68
C GLU A 412 5.90 -10.77 -6.17
N ARG A 413 7.02 -10.74 -5.45
CA ARG A 413 7.04 -10.56 -4.02
C ARG A 413 6.95 -9.05 -3.85
N PRO A 414 6.35 -8.54 -2.77
CA PRO A 414 6.13 -7.12 -2.62
C PRO A 414 7.38 -6.37 -2.25
N THR A 415 7.41 -5.03 -2.31
CA THR A 415 8.55 -4.29 -1.86
C THR A 415 8.44 -4.04 -0.37
N PHE A 416 9.55 -3.90 0.34
CA PHE A 416 9.53 -3.51 1.76
C PHE A 416 8.88 -2.13 1.97
N GLU A 417 8.82 -1.34 0.92
CA GLU A 417 8.12 -0.09 0.96
C GLU A 417 6.66 -0.45 1.19
N TYR A 418 6.10 -1.44 0.45
CA TYR A 418 4.68 -1.77 0.54
C TYR A 418 4.41 -2.36 1.88
N ILE A 419 5.28 -3.31 2.24
CA ILE A 419 5.14 -4.00 3.50
C ILE A 419 5.08 -3.00 4.66
N GLN A 420 5.92 -1.97 4.65
CA GLN A 420 5.93 -0.97 5.68
C GLN A 420 4.66 -0.17 5.64
N SER A 421 4.15 0.26 4.49
CA SER A 421 2.95 1.09 4.50
C SER A 421 1.78 0.39 5.16
N VAL A 422 1.74 -0.93 4.93
CA VAL A 422 0.69 -1.80 5.39
C VAL A 422 0.82 -2.07 6.85
N LEU A 423 1.99 -2.52 7.29
CA LEU A 423 2.15 -2.82 8.68
C LEU A 423 2.06 -1.61 9.56
N ASP A 424 2.54 -0.47 9.09
CA ASP A 424 2.51 0.72 9.89
C ASP A 424 1.10 1.11 10.20
N ASP A 425 0.18 0.98 9.22
CA ASP A 425 -1.20 1.36 9.51
C ASP A 425 -2.09 0.15 9.38
N PHE A 426 -1.63 -0.91 9.99
CA PHE A 426 -2.40 -2.13 9.96
C PHE A 426 -3.68 -1.93 10.76
N TYR A 427 -3.82 -1.03 11.75
CA TYR A 427 -5.10 -0.94 12.45
C TYR A 427 -5.80 0.38 12.17
N THR A 428 -5.36 1.11 11.14
CA THR A 428 -5.89 2.43 10.83
C THR A 428 -6.23 2.39 9.37
N ALA A 429 -7.41 2.96 9.19
CA ALA A 429 -7.92 3.05 7.85
C ALA A 429 -7.11 4.18 7.25
N THR A 430 -6.73 4.13 5.97
CA THR A 430 -6.05 5.26 5.36
C THR A 430 -6.88 6.53 5.54
N GLU A 431 -8.22 6.57 5.60
CA GLU A 431 -8.95 7.82 5.80
C GLU A 431 -8.75 8.44 7.18
N SER A 432 -8.49 7.60 8.19
CA SER A 432 -8.42 8.07 9.53
C SER A 432 -7.03 8.29 10.09
N GLN A 433 -6.01 8.42 9.24
CA GLN A 433 -4.66 8.69 9.70
C GLN A 433 -4.55 10.09 10.26
N GLN A 435 -6.86 13.50 11.43
CA GLN A 435 -8.23 13.85 11.76
C GLN A 435 -8.73 14.98 10.85
N GLN A 436 -10.02 14.90 10.44
CA GLN A 436 -10.59 15.98 9.63
C GLN A 436 -10.69 17.14 10.60
N GLN A 437 -10.22 18.20 9.99
CA GLN A 437 -10.20 19.55 10.51
C GLN A 437 -11.56 19.96 11.09
N PRO A 438 -11.72 20.39 12.35
CA PRO A 438 -12.93 21.11 12.76
C PRO A 438 -13.04 22.52 12.10
N GLU B 1 -19.84 -39.69 -22.24
CA GLU B 1 -21.21 -39.34 -21.99
C GLU B 1 -21.37 -38.11 -22.92
N ASP B 2 -21.84 -36.93 -22.47
CA ASP B 2 -22.10 -35.71 -23.24
C ASP B 2 -22.23 -34.59 -22.20
N ILE B 3 -21.80 -33.31 -22.39
CA ILE B 3 -21.98 -32.38 -21.28
C ILE B 3 -23.15 -31.42 -21.47
N ILE B 4 -24.00 -31.34 -20.45
CA ILE B 4 -25.19 -30.53 -20.51
C ILE B 4 -25.07 -29.42 -19.47
N VAL B 5 -25.42 -28.19 -19.89
CA VAL B 5 -25.37 -26.93 -19.14
C VAL B 5 -26.75 -26.32 -18.87
N VAL B 6 -26.99 -25.40 -17.96
CA VAL B 6 -28.34 -24.84 -17.85
C VAL B 6 -28.21 -23.32 -17.92
N ALA B 7 -29.26 -22.73 -18.47
CA ALA B 7 -29.34 -21.31 -18.64
C ALA B 7 -29.66 -20.64 -17.33
N LEU B 8 -28.79 -19.67 -17.09
CA LEU B 8 -28.84 -18.84 -15.91
C LEU B 8 -29.69 -17.68 -16.17
N TYR B 9 -29.91 -17.34 -17.44
CA TYR B 9 -30.65 -16.13 -17.77
C TYR B 9 -31.51 -16.33 -19.00
N ASP B 10 -32.63 -15.62 -19.11
CA ASP B 10 -33.40 -15.60 -20.34
C ASP B 10 -32.44 -15.03 -21.40
N TYR B 11 -32.51 -15.43 -22.69
CA TYR B 11 -31.72 -14.88 -23.77
C TYR B 11 -32.67 -14.87 -24.94
N GLU B 12 -32.51 -13.83 -25.75
CA GLU B 12 -33.32 -13.54 -26.91
C GLU B 12 -32.38 -13.54 -28.12
N ALA B 13 -32.40 -14.51 -29.03
CA ALA B 13 -31.48 -14.57 -30.15
C ALA B 13 -31.66 -13.32 -31.01
N ILE B 14 -30.56 -12.73 -31.46
CA ILE B 14 -30.62 -11.42 -32.09
C ILE B 14 -29.71 -11.33 -33.32
N HIS B 15 -29.05 -12.42 -33.67
CA HIS B 15 -28.01 -12.44 -34.69
C HIS B 15 -28.36 -13.63 -35.55
N HIS B 16 -27.54 -14.11 -36.48
CA HIS B 16 -28.12 -15.13 -37.36
C HIS B 16 -28.22 -16.57 -36.90
N GLU B 17 -27.26 -17.13 -36.15
CA GLU B 17 -27.31 -18.55 -35.81
C GLU B 17 -27.41 -18.74 -34.30
N ASP B 18 -27.76 -17.75 -33.50
CA ASP B 18 -27.70 -17.95 -32.08
C ASP B 18 -29.02 -18.47 -31.62
N LEU B 19 -29.08 -19.07 -30.45
CA LEU B 19 -30.31 -19.64 -29.98
C LEU B 19 -30.95 -18.92 -28.84
N SER B 20 -32.24 -18.65 -28.96
CA SER B 20 -32.96 -18.12 -27.81
C SER B 20 -33.17 -19.25 -26.83
N PHE B 21 -33.22 -18.81 -25.55
CA PHE B 21 -33.52 -19.67 -24.44
C PHE B 21 -34.05 -18.92 -23.24
N GLN B 22 -34.49 -19.67 -22.26
CA GLN B 22 -35.07 -19.15 -21.03
C GLN B 22 -34.22 -19.63 -19.88
N LYS B 23 -34.58 -19.21 -18.67
CA LYS B 23 -33.90 -19.68 -17.49
C LYS B 23 -34.42 -21.10 -17.26
N GLY B 24 -33.59 -22.03 -16.78
CA GLY B 24 -34.00 -23.40 -16.46
C GLY B 24 -33.86 -24.36 -17.63
N ASP B 25 -33.71 -23.80 -18.83
CA ASP B 25 -33.58 -24.58 -20.04
C ASP B 25 -32.26 -25.25 -20.07
N GLN B 26 -32.23 -26.41 -20.64
CA GLN B 26 -30.97 -27.14 -20.63
C GLN B 26 -30.55 -27.41 -22.02
N MET B 27 -29.26 -27.59 -22.24
CA MET B 27 -28.72 -27.84 -23.55
C MET B 27 -27.39 -28.55 -23.56
N VAL B 28 -27.16 -29.30 -24.64
CA VAL B 28 -26.01 -30.17 -24.84
C VAL B 28 -24.87 -29.36 -25.42
N VAL B 29 -23.62 -29.34 -24.97
CA VAL B 29 -22.68 -28.46 -25.65
C VAL B 29 -21.95 -29.29 -26.65
N LEU B 30 -21.83 -28.66 -27.80
CA LEU B 30 -21.17 -29.27 -28.91
C LEU B 30 -19.79 -28.70 -29.18
N GLU B 31 -19.57 -27.41 -28.94
CA GLU B 31 -18.25 -26.84 -29.15
C GLU B 31 -18.08 -25.77 -28.08
N GLU B 32 -16.83 -25.60 -27.70
CA GLU B 32 -16.38 -24.61 -26.77
C GLU B 32 -15.72 -23.45 -27.51
N SER B 33 -16.33 -22.73 -28.47
CA SER B 33 -15.67 -21.67 -29.23
C SER B 33 -15.43 -20.35 -28.46
N GLY B 34 -15.00 -20.41 -27.21
CA GLY B 34 -14.68 -19.21 -26.46
C GLY B 34 -15.89 -18.50 -25.92
N GLU B 35 -16.25 -17.37 -26.48
CA GLU B 35 -17.31 -16.58 -25.90
C GLU B 35 -18.73 -17.04 -26.24
N TRP B 36 -18.80 -17.77 -27.36
CA TRP B 36 -20.03 -18.32 -27.91
C TRP B 36 -19.81 -19.83 -27.99
N TRP B 37 -20.68 -20.67 -27.45
CA TRP B 37 -20.55 -22.11 -27.59
C TRP B 37 -21.71 -22.61 -28.41
N LYS B 38 -21.62 -23.75 -29.07
CA LYS B 38 -22.66 -24.31 -29.91
C LYS B 38 -23.39 -25.36 -29.08
N ALA B 39 -24.71 -25.35 -29.00
CA ALA B 39 -25.48 -26.24 -28.16
C ALA B 39 -26.78 -26.72 -28.78
N ARG B 40 -27.43 -27.74 -28.21
CA ARG B 40 -28.70 -28.23 -28.71
C ARG B 40 -29.60 -27.93 -27.59
N SER B 41 -30.65 -27.18 -27.77
CA SER B 41 -31.58 -26.86 -26.71
C SER B 41 -32.50 -28.06 -26.48
N LEU B 42 -32.52 -28.66 -25.30
CA LEU B 42 -33.43 -29.75 -25.06
C LEU B 42 -34.84 -29.22 -25.16
N ALA B 43 -35.03 -27.94 -24.84
CA ALA B 43 -36.33 -27.32 -24.96
C ALA B 43 -36.81 -27.19 -26.37
N THR B 44 -35.95 -26.76 -27.29
CA THR B 44 -36.41 -26.54 -28.64
C THR B 44 -35.89 -27.55 -29.60
N ARG B 45 -35.05 -28.47 -29.19
CA ARG B 45 -34.38 -29.39 -30.08
C ARG B 45 -33.59 -28.68 -31.20
N LYS B 46 -33.34 -27.38 -31.07
CA LYS B 46 -32.62 -26.57 -32.07
C LYS B 46 -31.14 -26.59 -31.75
N GLU B 47 -30.29 -26.59 -32.74
CA GLU B 47 -28.87 -26.57 -32.57
C GLU B 47 -28.40 -25.18 -32.99
N GLY B 48 -27.52 -24.47 -32.28
CA GLY B 48 -27.07 -23.14 -32.69
C GLY B 48 -26.18 -22.54 -31.61
N TYR B 49 -25.78 -21.27 -31.65
CA TYR B 49 -24.82 -20.68 -30.70
C TYR B 49 -25.41 -20.07 -29.45
N ILE B 50 -24.61 -20.10 -28.43
CA ILE B 50 -25.05 -19.77 -27.10
C ILE B 50 -23.99 -18.86 -26.54
N PRO B 51 -24.34 -17.90 -25.71
CA PRO B 51 -23.37 -17.12 -24.98
C PRO B 51 -22.83 -17.95 -23.80
N SER B 52 -21.53 -18.28 -23.70
CA SER B 52 -20.96 -19.09 -22.62
C SER B 52 -21.38 -18.73 -21.22
N ASN B 53 -21.26 -17.44 -20.90
CA ASN B 53 -21.50 -16.90 -19.56
C ASN B 53 -22.97 -16.74 -19.19
N TYR B 54 -23.84 -17.26 -20.06
CA TYR B 54 -25.25 -17.30 -19.76
C TYR B 54 -25.62 -18.59 -19.11
N VAL B 55 -24.76 -19.60 -19.27
CA VAL B 55 -24.98 -20.94 -18.81
C VAL B 55 -23.81 -21.44 -17.98
N ALA B 56 -24.02 -22.57 -17.32
CA ALA B 56 -22.98 -23.27 -16.55
C ALA B 56 -23.31 -24.76 -16.46
N ARG B 57 -22.36 -25.70 -16.25
CA ARG B 57 -22.66 -27.14 -16.14
C ARG B 57 -23.67 -27.36 -15.01
N VAL B 58 -24.64 -28.24 -15.26
CA VAL B 58 -25.80 -28.43 -14.38
C VAL B 58 -25.47 -28.79 -12.94
N ASP B 59 -26.32 -28.18 -12.12
CA ASP B 59 -26.26 -28.24 -10.68
C ASP B 59 -24.81 -28.22 -10.17
N SER B 60 -24.07 -27.18 -10.60
CA SER B 60 -22.74 -26.95 -10.13
C SER B 60 -22.89 -25.76 -9.20
N LEU B 61 -21.75 -25.41 -8.61
CA LEU B 61 -21.58 -24.26 -7.70
C LEU B 61 -22.17 -22.98 -8.32
N GLU B 62 -22.01 -22.75 -9.63
CA GLU B 62 -22.51 -21.55 -10.27
C GLU B 62 -24.02 -21.47 -10.46
N THR B 63 -24.72 -22.58 -10.33
CA THR B 63 -26.16 -22.69 -10.56
C THR B 63 -27.00 -22.04 -9.46
N GLU B 64 -26.43 -21.78 -8.29
CA GLU B 64 -27.28 -21.36 -7.21
C GLU B 64 -27.27 -19.85 -7.18
N GLU B 65 -28.38 -19.43 -6.67
CA GLU B 65 -28.69 -18.02 -6.59
C GLU B 65 -27.71 -17.13 -5.85
N TRP B 66 -26.97 -17.76 -4.90
CA TRP B 66 -26.07 -17.10 -3.97
C TRP B 66 -24.61 -17.17 -4.31
N PHE B 67 -24.27 -17.86 -5.39
CA PHE B 67 -22.88 -17.92 -5.71
C PHE B 67 -22.54 -16.90 -6.77
N PHE B 68 -21.46 -16.15 -6.60
CA PHE B 68 -21.01 -15.20 -7.58
C PHE B 68 -19.59 -15.52 -8.03
N LYS B 69 -19.46 -15.97 -9.27
CA LYS B 69 -18.17 -16.39 -9.82
C LYS B 69 -17.35 -15.16 -10.14
N GLY B 70 -16.07 -15.22 -9.80
CA GLY B 70 -15.09 -14.25 -10.27
C GLY B 70 -15.33 -12.82 -9.84
N ILE B 71 -16.02 -12.65 -8.71
CA ILE B 71 -16.24 -11.33 -8.15
C ILE B 71 -15.08 -10.97 -7.20
N SER B 72 -14.45 -9.81 -7.42
CA SER B 72 -13.42 -9.33 -6.52
C SER B 72 -14.14 -8.83 -5.26
N ARG B 73 -13.53 -8.93 -4.08
CA ARG B 73 -14.02 -8.42 -2.82
C ARG B 73 -14.71 -7.08 -2.93
N LYS B 74 -14.08 -6.07 -3.57
CA LYS B 74 -14.68 -4.76 -3.73
C LYS B 74 -15.83 -4.87 -4.67
N ASP B 75 -15.78 -5.49 -5.85
CA ASP B 75 -16.98 -5.53 -6.68
C ASP B 75 -18.12 -6.25 -5.98
N ALA B 76 -17.82 -7.12 -5.01
CA ALA B 76 -18.81 -7.75 -4.19
C ALA B 76 -19.46 -6.70 -3.35
N GLU B 77 -18.68 -5.82 -2.76
CA GLU B 77 -19.22 -4.75 -1.95
C GLU B 77 -19.99 -3.80 -2.80
N ARG B 78 -19.53 -3.51 -3.99
CA ARG B 78 -20.24 -2.58 -4.83
C ARG B 78 -21.60 -3.14 -5.20
N GLN B 79 -21.61 -4.42 -5.52
CA GLN B 79 -22.81 -5.12 -5.91
C GLN B 79 -23.83 -5.27 -4.82
N LEU B 80 -23.38 -5.63 -3.64
CA LEU B 80 -24.24 -5.77 -2.48
C LEU B 80 -24.73 -4.41 -1.97
N LEU B 81 -24.03 -3.33 -2.28
CA LEU B 81 -24.48 -2.02 -1.93
C LEU B 81 -25.29 -1.30 -2.98
N ALA B 82 -25.57 -1.99 -4.07
CA ALA B 82 -26.46 -1.51 -5.11
C ALA B 82 -27.92 -1.68 -4.63
N PRO B 83 -28.85 -0.86 -5.14
CA PRO B 83 -30.25 -0.84 -4.76
C PRO B 83 -30.95 -2.18 -4.81
N GLY B 84 -31.82 -2.50 -3.85
CA GLY B 84 -32.62 -3.72 -3.94
C GLY B 84 -32.19 -4.76 -2.91
N ASN B 85 -30.95 -4.60 -2.52
CA ASN B 85 -30.40 -5.47 -1.53
C ASN B 85 -30.79 -4.77 -0.26
N MET B 86 -30.85 -5.48 0.84
CA MET B 86 -31.21 -4.88 2.09
C MET B 86 -30.43 -5.61 3.17
N LEU B 87 -30.75 -5.44 4.45
CA LEU B 87 -29.98 -6.05 5.53
C LEU B 87 -29.94 -7.55 5.42
N GLY B 88 -28.77 -8.09 5.67
CA GLY B 88 -28.56 -9.50 5.58
C GLY B 88 -28.36 -10.00 4.13
N SER B 89 -28.61 -9.20 3.07
CA SER B 89 -28.40 -9.65 1.71
C SER B 89 -26.99 -10.13 1.61
N PHE B 90 -26.80 -11.33 1.09
CA PHE B 90 -25.47 -11.90 1.08
C PHE B 90 -25.04 -12.51 -0.25
N MET B 91 -23.88 -13.13 -0.27
CA MET B 91 -23.36 -13.88 -1.41
C MET B 91 -22.15 -14.67 -0.98
N ILE B 92 -21.94 -15.78 -1.65
CA ILE B 92 -20.75 -16.61 -1.43
C ILE B 92 -20.07 -16.44 -2.75
N ARG B 93 -18.77 -16.50 -2.77
CA ARG B 93 -18.07 -16.22 -3.97
C ARG B 93 -16.70 -16.78 -3.82
N ASP B 94 -15.97 -16.74 -4.92
CA ASP B 94 -14.60 -17.22 -4.96
C ASP B 94 -13.73 -16.28 -4.14
N SER B 95 -12.91 -16.82 -3.26
CA SER B 95 -12.01 -16.00 -2.48
C SER B 95 -10.91 -15.47 -3.41
N GLU B 96 -10.69 -14.19 -3.28
CA GLU B 96 -9.77 -13.45 -4.12
C GLU B 96 -8.30 -13.60 -3.67
N THR B 97 -8.05 -13.75 -2.36
CA THR B 97 -6.66 -13.90 -1.93
C THR B 97 -6.32 -15.38 -1.75
N THR B 98 -7.21 -16.04 -1.00
CA THR B 98 -7.11 -17.46 -0.76
C THR B 98 -7.71 -18.22 -1.96
N LYS B 99 -6.93 -18.43 -3.03
CA LYS B 99 -7.36 -19.19 -4.20
C LYS B 99 -7.89 -20.64 -4.02
N GLY B 100 -8.89 -20.99 -4.83
CA GLY B 100 -9.49 -22.30 -4.77
C GLY B 100 -10.43 -22.47 -3.57
N SER B 101 -10.51 -21.44 -2.75
CA SER B 101 -11.34 -21.48 -1.57
C SER B 101 -12.45 -20.40 -1.69
N TYR B 102 -13.31 -20.11 -0.70
CA TYR B 102 -14.43 -19.18 -0.93
C TYR B 102 -14.59 -18.09 0.14
N SER B 103 -15.44 -17.08 0.02
CA SER B 103 -15.65 -16.17 1.10
C SER B 103 -17.10 -15.78 1.06
N LEU B 104 -17.67 -15.36 2.18
CA LEU B 104 -19.06 -15.03 2.28
C LEU B 104 -19.11 -13.53 2.63
N SER B 105 -19.94 -12.71 1.99
CA SER B 105 -20.00 -11.27 2.20
C SER B 105 -21.42 -10.88 2.70
N VAL B 106 -21.69 -9.99 3.67
CA VAL B 106 -23.06 -9.73 4.14
C VAL B 106 -23.38 -8.25 4.28
N ARG B 107 -24.57 -7.74 3.86
CA ARG B 107 -24.95 -6.33 4.04
C ARG B 107 -25.31 -5.96 5.49
N ASP B 108 -24.47 -5.19 6.17
CA ASP B 108 -24.60 -4.78 7.56
C ASP B 108 -24.88 -3.26 7.71
N TYR B 109 -24.94 -2.72 8.97
CA TYR B 109 -24.99 -1.29 9.38
C TYR B 109 -24.09 -1.12 10.61
N ASP B 110 -23.17 -0.11 10.60
CA ASP B 110 -22.16 0.17 11.64
C ASP B 110 -22.00 1.65 12.04
N PRO B 111 -21.69 1.98 13.32
CA PRO B 111 -22.28 3.08 14.10
C PRO B 111 -22.14 4.52 13.61
N ARG B 112 -20.87 4.86 13.40
CA ARG B 112 -20.42 6.18 13.00
C ARG B 112 -20.04 6.14 11.51
N GLN B 113 -20.90 5.47 10.72
CA GLN B 113 -20.70 5.28 9.27
C GLN B 113 -22.02 5.20 8.46
N GLY B 114 -22.33 4.09 7.78
CA GLY B 114 -23.53 3.95 6.97
C GLY B 114 -23.84 2.46 6.76
N ASP B 115 -24.33 2.08 5.58
CA ASP B 115 -24.66 0.67 5.26
C ASP B 115 -23.36 0.01 4.75
N THR B 116 -22.86 -1.16 5.16
CA THR B 116 -21.57 -1.59 4.66
C THR B 116 -21.44 -3.08 4.50
N VAL B 117 -20.32 -3.67 4.11
CA VAL B 117 -20.28 -5.08 3.80
C VAL B 117 -19.13 -5.62 4.60
N LYS B 118 -19.34 -6.72 5.31
CA LYS B 118 -18.28 -7.36 6.05
C LYS B 118 -18.08 -8.71 5.38
N HIS B 119 -16.90 -9.32 5.50
CA HIS B 119 -16.63 -10.55 4.79
C HIS B 119 -16.07 -11.56 5.75
N TYR B 120 -16.53 -12.80 5.70
CA TYR B 120 -16.03 -13.86 6.55
C TYR B 120 -15.35 -14.77 5.59
N LYS B 121 -14.13 -15.16 5.93
CA LYS B 121 -13.36 -15.99 5.06
C LYS B 121 -13.96 -17.38 5.16
N ILE B 122 -13.86 -18.27 4.17
CA ILE B 122 -14.32 -19.65 4.30
C ILE B 122 -13.06 -20.45 4.01
N ARG B 123 -12.89 -21.57 4.70
CA ARG B 123 -11.65 -22.34 4.54
C ARG B 123 -11.96 -23.75 4.11
N THR B 124 -10.94 -24.28 3.46
CA THR B 124 -10.96 -25.51 2.68
C THR B 124 -9.79 -26.43 3.13
N LEU B 125 -10.02 -27.57 3.85
CA LEU B 125 -8.92 -28.46 4.31
C LEU B 125 -8.38 -29.52 3.34
N ASP B 126 -9.20 -30.55 3.10
CA ASP B 126 -8.92 -31.76 2.32
C ASP B 126 -9.91 -32.82 2.80
N ASN B 127 -10.37 -32.77 4.06
CA ASN B 127 -11.42 -33.66 4.58
C ASN B 127 -12.80 -33.15 4.13
N GLY B 128 -13.00 -32.87 2.83
CA GLY B 128 -14.17 -32.13 2.33
C GLY B 128 -14.03 -30.78 3.01
N GLY B 129 -15.00 -30.44 3.86
CA GLY B 129 -14.86 -29.36 4.82
C GLY B 129 -14.56 -27.93 4.41
N PHE B 130 -15.64 -27.24 4.71
CA PHE B 130 -15.75 -25.81 4.59
C PHE B 130 -16.38 -25.34 5.90
N TYR B 131 -15.88 -24.22 6.40
CA TYR B 131 -16.39 -23.60 7.61
C TYR B 131 -15.93 -22.15 7.59
N ILE B 132 -16.63 -21.41 8.45
CA ILE B 132 -16.30 -20.04 8.83
C ILE B 132 -15.87 -20.30 10.29
N SER B 133 -16.78 -20.52 11.26
CA SER B 133 -16.41 -20.84 12.65
C SER B 133 -16.22 -22.35 12.91
N PRO B 134 -15.11 -22.99 13.35
CA PRO B 134 -14.95 -24.46 13.43
C PRO B 134 -16.00 -25.19 14.28
N ARG B 135 -16.72 -24.40 15.07
CA ARG B 135 -17.86 -24.79 15.88
C ARG B 135 -18.98 -25.45 15.05
N SER B 136 -19.01 -25.20 13.76
CA SER B 136 -20.01 -25.75 12.86
C SER B 136 -19.26 -26.03 11.53
N THR B 137 -19.25 -27.29 11.04
CA THR B 137 -18.53 -27.71 9.83
C THR B 137 -19.49 -28.26 8.76
N PHE B 138 -19.17 -28.11 7.46
CA PHE B 138 -20.02 -28.58 6.36
C PHE B 138 -19.20 -29.00 5.12
N SER B 139 -19.92 -29.69 4.23
CA SER B 139 -19.52 -30.09 2.88
C SER B 139 -20.58 -29.49 1.93
N THR B 140 -21.78 -29.55 2.52
CA THR B 140 -23.03 -28.99 2.06
C THR B 140 -23.03 -27.47 2.07
N LEU B 141 -22.48 -26.81 1.03
CA LEU B 141 -22.47 -25.35 0.97
C LEU B 141 -23.83 -24.74 1.18
N GLN B 142 -24.82 -25.33 0.53
CA GLN B 142 -26.20 -24.90 0.70
C GLN B 142 -26.63 -24.98 2.17
N GLU B 143 -26.24 -26.00 2.95
CA GLU B 143 -26.69 -26.12 4.33
C GLU B 143 -26.07 -24.99 5.16
N LEU B 144 -24.82 -24.65 4.78
CA LEU B 144 -24.12 -23.54 5.38
C LEU B 144 -24.99 -22.31 5.24
N VAL B 145 -25.43 -22.03 4.01
CA VAL B 145 -26.18 -20.82 3.77
C VAL B 145 -27.50 -20.88 4.51
N ASP B 146 -28.21 -22.01 4.50
CA ASP B 146 -29.53 -22.11 5.11
C ASP B 146 -29.50 -22.05 6.65
N HIS B 147 -28.33 -22.41 7.16
CA HIS B 147 -27.99 -22.34 8.58
C HIS B 147 -28.01 -20.90 9.06
N TYR B 148 -27.28 -20.07 8.31
CA TYR B 148 -27.08 -18.68 8.67
C TYR B 148 -28.20 -17.76 8.22
N LYS B 149 -28.95 -18.27 7.27
CA LYS B 149 -30.20 -17.66 6.83
C LYS B 149 -31.20 -17.73 7.98
N LYS B 150 -30.98 -18.66 8.92
CA LYS B 150 -31.85 -18.84 10.05
C LYS B 150 -31.59 -17.83 11.14
N GLY B 151 -30.33 -17.66 11.55
CA GLY B 151 -29.97 -16.70 12.58
C GLY B 151 -28.49 -16.40 12.63
N ASN B 152 -28.19 -15.24 13.21
CA ASN B 152 -26.84 -14.66 13.31
C ASN B 152 -25.82 -15.45 14.15
N ASP B 153 -25.49 -16.72 13.88
CA ASP B 153 -24.56 -17.50 14.72
C ASP B 153 -23.15 -16.94 14.56
N GLY B 154 -22.84 -15.92 15.36
CA GLY B 154 -21.52 -15.29 15.34
C GLY B 154 -21.37 -14.24 14.24
N LEU B 155 -22.09 -14.34 13.13
CA LEU B 155 -21.97 -13.34 12.08
C LEU B 155 -22.69 -12.07 12.49
N CYS B 156 -22.33 -10.96 11.87
CA CYS B 156 -22.87 -9.67 12.24
C CYS B 156 -24.36 -9.46 11.97
N GLN B 157 -24.98 -10.31 11.13
CA GLN B 157 -26.37 -10.27 10.71
C GLN B 157 -26.79 -11.65 10.17
N LYS B 158 -28.11 -11.92 10.19
CA LYS B 158 -28.76 -13.16 9.75
C LYS B 158 -28.84 -13.12 8.22
N LEU B 159 -28.32 -14.09 7.46
CA LEU B 159 -28.29 -13.99 6.00
C LEU B 159 -29.71 -13.96 5.51
N SER B 160 -30.15 -12.98 4.72
CA SER B 160 -31.52 -13.03 4.26
C SER B 160 -31.70 -13.42 2.79
N VAL B 161 -31.67 -12.52 1.84
CA VAL B 161 -31.88 -12.93 0.49
C VAL B 161 -30.52 -12.81 -0.22
N PRO B 162 -30.24 -13.47 -1.30
CA PRO B 162 -29.10 -13.16 -2.13
C PRO B 162 -29.02 -11.73 -2.59
N CYS B 163 -27.84 -11.49 -3.13
CA CYS B 163 -27.51 -10.26 -3.78
C CYS B 163 -28.23 -10.23 -5.15
N MET B 164 -28.66 -9.07 -5.67
CA MET B 164 -29.33 -8.99 -6.96
C MET B 164 -28.34 -9.34 -8.03
N SER B 165 -28.73 -10.13 -9.01
CA SER B 165 -27.77 -10.42 -10.05
C SER B 165 -27.93 -9.30 -11.10
N SER B 166 -26.82 -9.01 -11.75
CA SER B 166 -26.80 -8.11 -12.88
C SER B 166 -26.64 -9.00 -14.13
N LYS B 167 -27.63 -9.06 -15.00
CA LYS B 167 -27.53 -9.81 -16.26
C LYS B 167 -26.32 -9.36 -17.09
N PRO B 168 -25.53 -10.26 -17.66
CA PRO B 168 -24.32 -9.94 -18.35
C PRO B 168 -24.70 -9.26 -19.62
N GLN B 169 -23.73 -8.58 -20.22
CA GLN B 169 -23.97 -7.86 -21.45
C GLN B 169 -23.95 -8.96 -22.50
N LYS B 170 -24.79 -8.77 -23.50
CA LYS B 170 -24.84 -9.64 -24.66
C LYS B 170 -23.44 -9.58 -25.27
N PRO B 171 -22.80 -10.72 -25.56
CA PRO B 171 -21.58 -10.80 -26.34
C PRO B 171 -21.77 -10.35 -27.75
N TRP B 172 -20.65 -9.79 -28.21
CA TRP B 172 -20.58 -9.30 -29.55
C TRP B 172 -20.64 -10.53 -30.45
N GLU B 173 -21.07 -10.37 -31.70
CA GLU B 173 -21.27 -11.40 -32.71
C GLU B 173 -19.96 -12.15 -33.09
N LYS B 174 -20.07 -13.48 -33.36
CA LYS B 174 -18.96 -14.40 -33.66
C LYS B 174 -18.22 -13.89 -34.87
N ASP B 175 -16.90 -13.77 -34.78
CA ASP B 175 -16.09 -13.32 -35.91
C ASP B 175 -16.43 -11.91 -36.47
N ALA B 176 -17.15 -11.02 -35.76
CA ALA B 176 -17.48 -9.72 -36.31
C ALA B 176 -16.63 -8.54 -35.86
N TRP B 177 -15.36 -8.72 -36.10
CA TRP B 177 -14.39 -7.71 -35.75
C TRP B 177 -14.28 -6.62 -36.80
N GLU B 178 -14.02 -7.06 -38.04
CA GLU B 178 -13.85 -6.16 -39.18
C GLU B 178 -15.30 -6.03 -39.61
N ILE B 179 -15.86 -4.84 -39.58
CA ILE B 179 -17.25 -4.67 -39.89
C ILE B 179 -17.47 -3.85 -41.16
N PRO B 180 -18.55 -4.15 -41.91
CA PRO B 180 -19.03 -3.36 -43.02
C PRO B 180 -19.84 -2.18 -42.54
N ARG B 181 -19.69 -1.00 -43.14
CA ARG B 181 -20.33 0.20 -42.63
C ARG B 181 -21.84 0.11 -42.61
N GLU B 182 -22.40 -0.62 -43.61
CA GLU B 182 -23.85 -0.75 -43.76
C GLU B 182 -24.49 -1.36 -42.52
N SER B 183 -23.73 -2.01 -41.62
CA SER B 183 -24.33 -2.66 -40.48
C SER B 183 -24.67 -1.68 -39.38
N LEU B 184 -24.41 -0.41 -39.63
CA LEU B 184 -24.54 0.59 -38.60
C LEU B 184 -25.49 1.71 -38.99
N LYS B 185 -26.48 2.03 -38.15
CA LYS B 185 -27.26 3.25 -38.33
C LYS B 185 -26.75 4.27 -37.31
N LEU B 186 -26.02 5.32 -37.73
CA LEU B 186 -25.49 6.30 -36.81
C LEU B 186 -26.64 7.24 -36.61
N GLU B 187 -27.17 7.16 -35.41
CA GLU B 187 -28.41 7.83 -35.13
C GLU B 187 -28.34 9.12 -34.37
N LYS B 188 -27.44 9.38 -33.42
CA LYS B 188 -27.52 10.63 -32.68
C LYS B 188 -26.09 11.02 -32.39
N LYS B 189 -25.66 12.16 -32.84
CA LYS B 189 -24.31 12.64 -32.62
C LYS B 189 -24.19 13.04 -31.18
N LEU B 190 -23.32 12.28 -30.49
CA LEU B 190 -22.99 12.54 -29.09
C LEU B 190 -21.90 13.56 -28.87
N GLY B 191 -20.93 13.77 -29.77
CA GLY B 191 -19.94 14.81 -29.58
C GLY B 191 -19.13 15.00 -30.84
N ALA B 192 -18.56 16.21 -31.08
CA ALA B 192 -17.73 16.48 -32.27
C ALA B 192 -16.35 17.02 -31.86
N GLY B 193 -15.58 16.15 -31.17
CA GLY B 193 -14.27 16.47 -30.55
C GLY B 193 -13.01 16.69 -31.44
N GLN B 194 -13.02 17.60 -32.44
CA GLN B 194 -11.84 17.99 -33.26
C GLN B 194 -11.14 17.00 -34.19
N PHE B 195 -11.02 15.69 -33.86
CA PHE B 195 -10.41 14.67 -34.74
C PHE B 195 -11.42 13.63 -35.27
N GLY B 196 -12.66 13.78 -34.86
CA GLY B 196 -13.67 12.84 -35.17
C GLY B 196 -14.89 13.22 -34.37
N GLU B 197 -15.92 12.38 -34.39
CA GLU B 197 -17.19 12.65 -33.73
C GLU B 197 -17.51 11.33 -33.06
N VAL B 198 -18.44 11.25 -32.11
CA VAL B 198 -18.86 9.99 -31.49
C VAL B 198 -20.36 10.06 -31.68
N TRP B 199 -20.87 8.99 -32.23
CA TRP B 199 -22.28 8.89 -32.53
C TRP B 199 -22.80 7.73 -31.77
N MET B 200 -23.99 7.89 -31.26
CA MET B 200 -24.75 6.82 -30.68
C MET B 200 -25.27 6.05 -31.91
N ALA B 201 -25.17 4.74 -31.96
CA ALA B 201 -25.52 4.00 -33.15
C ALA B 201 -26.16 2.64 -32.86
N THR B 202 -26.56 1.90 -33.90
CA THR B 202 -27.16 0.60 -33.71
C THR B 202 -26.55 -0.33 -34.73
N TYR B 203 -26.01 -1.45 -34.24
CA TYR B 203 -25.39 -2.46 -35.05
C TYR B 203 -26.43 -3.51 -35.32
N ASN B 204 -26.65 -3.81 -36.59
CA ASN B 204 -27.56 -4.83 -37.12
C ASN B 204 -28.89 -4.88 -36.43
N LYS B 205 -29.47 -3.70 -36.37
CA LYS B 205 -30.78 -3.47 -35.79
C LYS B 205 -30.94 -3.67 -34.29
N HIS B 206 -30.13 -4.43 -33.52
CA HIS B 206 -30.52 -4.73 -32.14
C HIS B 206 -29.52 -4.46 -31.06
N THR B 207 -28.31 -4.01 -31.41
CA THR B 207 -27.27 -3.87 -30.41
C THR B 207 -26.95 -2.38 -30.32
N LYS B 208 -27.01 -1.76 -29.15
CA LYS B 208 -26.74 -0.36 -29.08
C LYS B 208 -25.25 -0.18 -28.79
N VAL B 209 -24.59 0.63 -29.61
CA VAL B 209 -23.16 0.82 -29.50
C VAL B 209 -22.82 2.28 -29.61
N ALA B 210 -21.56 2.67 -29.51
CA ALA B 210 -21.11 4.03 -29.73
C ALA B 210 -20.10 3.95 -30.89
N VAL B 211 -20.04 4.92 -31.83
CA VAL B 211 -19.08 4.90 -32.92
C VAL B 211 -18.30 6.18 -33.03
N LYS B 212 -16.98 6.13 -32.95
CA LYS B 212 -16.16 7.33 -33.14
C LYS B 212 -15.88 7.28 -34.61
N THR B 213 -16.13 8.38 -35.30
CA THR B 213 -15.86 8.46 -36.71
C THR B 213 -14.56 9.25 -36.79
N MET B 214 -13.50 8.66 -37.32
CA MET B 214 -12.21 9.31 -37.40
C MET B 214 -11.96 10.08 -38.69
N LYS B 215 -11.76 11.40 -38.61
CA LYS B 215 -11.49 12.25 -39.76
C LYS B 215 -10.31 11.74 -40.60
N PRO B 216 -10.36 11.79 -41.95
CA PRO B 216 -9.40 11.07 -42.80
C PRO B 216 -7.94 11.40 -42.55
N GLY B 217 -7.65 12.63 -42.12
CA GLY B 217 -6.28 12.92 -41.74
C GLY B 217 -5.76 12.01 -40.59
N SER B 218 -6.54 12.02 -39.49
CA SER B 218 -6.24 11.45 -38.18
C SER B 218 -5.16 10.42 -37.94
N MET B 219 -5.19 9.28 -38.57
CA MET B 219 -4.26 8.21 -38.23
C MET B 219 -3.94 7.28 -39.42
N SER B 220 -2.75 6.72 -39.34
CA SER B 220 -2.22 5.90 -40.41
C SER B 220 -3.02 4.59 -40.39
N VAL B 221 -3.87 4.25 -41.37
CA VAL B 221 -4.74 3.06 -41.33
C VAL B 221 -4.11 1.79 -40.76
N GLU B 222 -3.04 1.34 -41.42
CA GLU B 222 -2.23 0.18 -40.99
C GLU B 222 -1.82 0.18 -39.51
N ALA B 223 -1.48 1.39 -39.04
CA ALA B 223 -1.00 1.69 -37.71
C ALA B 223 -2.09 1.67 -36.70
N PHE B 224 -3.27 2.11 -37.16
CA PHE B 224 -4.44 2.11 -36.34
C PHE B 224 -4.79 0.65 -36.09
N LEU B 225 -4.97 -0.11 -37.16
CA LEU B 225 -5.31 -1.52 -37.02
C LEU B 225 -4.42 -2.28 -36.04
N ALA B 226 -3.13 -1.97 -36.15
CA ALA B 226 -2.17 -2.53 -35.23
C ALA B 226 -2.50 -2.16 -33.79
N GLU B 227 -2.58 -0.85 -33.43
CA GLU B 227 -2.76 -0.46 -32.03
C GLU B 227 -4.08 -0.98 -31.51
N ALA B 228 -5.09 -1.07 -32.38
CA ALA B 228 -6.39 -1.59 -31.99
C ALA B 228 -6.39 -3.08 -31.82
N ASN B 229 -5.56 -3.87 -32.51
CA ASN B 229 -5.53 -5.31 -32.27
C ASN B 229 -4.87 -5.64 -30.94
N VAL B 230 -4.05 -4.71 -30.46
CA VAL B 230 -3.51 -4.77 -29.11
C VAL B 230 -4.69 -4.33 -28.22
N MET B 231 -5.27 -3.15 -28.50
CA MET B 231 -6.32 -2.53 -27.70
C MET B 231 -7.46 -3.46 -27.38
N LYS B 232 -7.96 -4.28 -28.29
CA LYS B 232 -9.05 -5.18 -27.95
C LYS B 232 -8.70 -6.23 -26.93
N THR B 233 -7.43 -6.47 -26.67
CA THR B 233 -7.01 -7.51 -25.75
C THR B 233 -7.23 -7.17 -24.30
N LEU B 234 -7.31 -5.88 -23.99
CA LEU B 234 -7.51 -5.39 -22.64
C LEU B 234 -8.95 -5.53 -22.17
N GLN B 235 -9.27 -6.80 -21.91
CA GLN B 235 -10.58 -7.19 -21.48
C GLN B 235 -10.56 -6.98 -19.96
N HIS B 236 -11.27 -5.97 -19.46
CA HIS B 236 -11.32 -5.72 -18.03
C HIS B 236 -12.65 -5.03 -17.79
N ASP B 237 -13.36 -5.40 -16.74
CA ASP B 237 -14.61 -4.77 -16.36
C ASP B 237 -14.47 -3.26 -16.23
N LYS B 238 -13.33 -2.65 -15.90
CA LYS B 238 -13.29 -1.20 -15.80
C LYS B 238 -12.68 -0.47 -16.99
N LEU B 239 -12.74 -1.08 -18.19
CA LEU B 239 -12.27 -0.44 -19.40
C LEU B 239 -13.36 -0.72 -20.45
N VAL B 240 -13.55 0.24 -21.37
CA VAL B 240 -14.61 0.15 -22.37
C VAL B 240 -14.34 -1.01 -23.34
N LYS B 241 -15.32 -1.89 -23.62
CA LYS B 241 -15.04 -3.01 -24.51
C LYS B 241 -15.00 -2.37 -25.88
N LEU B 242 -13.89 -2.61 -26.55
CA LEU B 242 -13.76 -2.16 -27.90
C LEU B 242 -14.28 -3.33 -28.67
N HIS B 243 -15.26 -3.12 -29.54
CA HIS B 243 -15.98 -4.20 -30.21
C HIS B 243 -15.64 -4.52 -31.66
N ALA B 244 -15.55 -3.52 -32.52
CA ALA B 244 -15.29 -3.74 -33.92
C ALA B 244 -14.80 -2.42 -34.48
N VAL B 245 -14.28 -2.52 -35.70
CA VAL B 245 -13.83 -1.34 -36.42
C VAL B 245 -14.40 -1.36 -37.81
N VAL B 246 -14.47 -0.21 -38.46
CA VAL B 246 -14.70 -0.18 -39.89
C VAL B 246 -13.34 0.25 -40.42
N THR B 247 -12.77 -0.71 -41.14
CA THR B 247 -11.40 -0.67 -41.65
C THR B 247 -11.12 0.36 -42.71
N LYS B 248 -12.15 0.76 -43.41
CA LYS B 248 -11.97 1.57 -44.60
C LYS B 248 -12.12 3.03 -44.22
N GLU B 249 -11.32 3.90 -44.80
CA GLU B 249 -11.44 5.29 -44.46
C GLU B 249 -12.81 5.91 -44.82
N PRO B 250 -13.45 6.72 -43.98
CA PRO B 250 -13.02 7.05 -42.61
C PRO B 250 -13.09 5.92 -41.58
N ILE B 251 -12.10 5.81 -40.68
CA ILE B 251 -12.12 4.72 -39.73
C ILE B 251 -13.30 4.92 -38.76
N TYR B 252 -14.03 3.84 -38.42
CA TYR B 252 -15.05 3.93 -37.40
C TYR B 252 -14.66 2.95 -36.31
N ILE B 253 -14.88 3.32 -35.04
CA ILE B 253 -14.47 2.53 -33.90
C ILE B 253 -15.72 2.30 -33.06
N ILE B 254 -16.10 1.03 -32.98
CA ILE B 254 -17.35 0.68 -32.35
C ILE B 254 -17.00 0.15 -31.02
N THR B 255 -17.45 0.83 -29.98
CA THR B 255 -17.23 0.48 -28.60
C THR B 255 -18.61 0.31 -27.94
N GLU B 256 -18.64 -0.19 -26.69
CA GLU B 256 -19.90 -0.39 -26.03
C GLU B 256 -20.60 0.92 -25.72
N PHE B 257 -21.92 1.03 -25.64
CA PHE B 257 -22.51 2.30 -25.23
C PHE B 257 -22.53 2.45 -23.70
N MET B 258 -22.09 3.62 -23.21
CA MET B 258 -22.04 3.97 -21.80
C MET B 258 -23.06 5.08 -21.54
N ALA B 259 -24.16 4.63 -20.92
CA ALA B 259 -25.33 5.47 -20.78
C ALA B 259 -25.21 6.83 -20.09
N LYS B 260 -24.46 6.98 -18.97
CA LYS B 260 -24.43 8.25 -18.28
C LYS B 260 -23.36 9.18 -18.86
N GLY B 261 -22.71 8.80 -19.99
CA GLY B 261 -21.80 9.70 -20.67
C GLY B 261 -20.43 9.70 -20.06
N SER B 262 -19.73 10.84 -20.04
CA SER B 262 -18.37 10.81 -19.50
C SER B 262 -18.46 11.10 -18.02
N LEU B 263 -17.36 10.89 -17.29
CA LEU B 263 -17.36 11.18 -15.89
C LEU B 263 -17.39 12.70 -15.71
N LEU B 264 -16.73 13.45 -16.57
CA LEU B 264 -16.81 14.90 -16.45
C LEU B 264 -18.26 15.38 -16.55
N ASP B 265 -18.97 14.96 -17.60
CA ASP B 265 -20.35 15.33 -17.79
C ASP B 265 -21.18 14.87 -16.62
N PHE B 266 -20.94 13.65 -16.15
CA PHE B 266 -21.70 13.16 -15.03
C PHE B 266 -21.43 14.02 -13.80
N LEU B 267 -20.20 14.38 -13.45
CA LEU B 267 -19.97 15.07 -12.20
C LEU B 267 -20.61 16.45 -12.19
N LYS B 268 -20.61 17.11 -13.36
CA LYS B 268 -21.25 18.41 -13.46
C LYS B 268 -22.78 18.30 -13.49
N SER B 269 -23.41 17.11 -13.43
CA SER B 269 -24.85 16.97 -13.53
C SER B 269 -25.63 17.11 -12.23
N ASP B 270 -26.90 16.65 -12.22
CA ASP B 270 -27.79 16.64 -11.05
C ASP B 270 -27.34 15.54 -10.13
N GLU B 271 -27.33 14.33 -10.67
CA GLU B 271 -26.99 13.14 -9.91
C GLU B 271 -25.49 13.22 -9.65
N GLY B 272 -24.73 13.88 -10.52
CA GLY B 272 -23.32 14.11 -10.31
C GLY B 272 -23.03 14.92 -9.04
N SER B 273 -23.51 16.16 -8.92
CA SER B 273 -23.27 16.98 -7.74
C SER B 273 -23.89 16.43 -6.44
N LYS B 274 -24.78 15.43 -6.45
CA LYS B 274 -25.34 14.82 -5.22
C LYS B 274 -24.46 13.72 -4.62
N GLN B 275 -23.41 13.29 -5.32
CA GLN B 275 -22.63 12.14 -4.86
C GLN B 275 -21.66 12.47 -3.74
N PRO B 276 -21.75 11.85 -2.58
CA PRO B 276 -20.77 12.05 -1.56
C PRO B 276 -19.39 11.53 -1.93
N LEU B 277 -18.51 12.07 -1.11
CA LEU B 277 -17.10 11.78 -1.14
C LEU B 277 -16.79 10.29 -1.05
N PRO B 278 -17.29 9.40 -0.18
CA PRO B 278 -16.99 7.98 -0.25
C PRO B 278 -17.35 7.34 -1.58
N LYS B 279 -18.31 7.92 -2.34
CA LYS B 279 -18.63 7.45 -3.67
C LYS B 279 -17.62 7.97 -4.71
N LEU B 280 -17.22 9.23 -4.57
CA LEU B 280 -16.27 9.75 -5.51
C LEU B 280 -14.95 9.03 -5.39
N ILE B 281 -14.60 8.57 -4.18
CA ILE B 281 -13.34 7.81 -3.99
C ILE B 281 -13.48 6.43 -4.59
N ASP B 282 -14.67 5.87 -4.48
CA ASP B 282 -14.94 4.59 -5.07
C ASP B 282 -14.81 4.67 -6.58
N PHE B 283 -15.10 5.83 -7.13
CA PHE B 283 -14.94 6.09 -8.54
C PHE B 283 -13.48 6.09 -8.86
N SER B 284 -12.72 6.87 -8.15
CA SER B 284 -11.28 6.89 -8.27
C SER B 284 -10.74 5.53 -8.12
N ALA B 285 -11.30 4.72 -7.27
CA ALA B 285 -10.71 3.44 -7.02
C ALA B 285 -11.00 2.59 -8.23
N GLN B 286 -12.19 2.75 -8.83
CA GLN B 286 -12.51 2.02 -10.02
C GLN B 286 -11.58 2.41 -11.18
N ILE B 287 -11.29 3.69 -11.36
CA ILE B 287 -10.44 4.11 -12.45
C ILE B 287 -9.07 3.49 -12.24
N ALA B 288 -8.60 3.56 -11.02
CA ALA B 288 -7.34 2.98 -10.61
C ALA B 288 -7.29 1.48 -10.83
N GLU B 289 -8.28 0.70 -10.49
CA GLU B 289 -8.29 -0.70 -10.86
C GLU B 289 -8.06 -0.96 -12.34
N GLY B 290 -8.61 -0.07 -13.17
CA GLY B 290 -8.49 -0.14 -14.62
C GLY B 290 -7.06 0.06 -15.04
N MET B 291 -6.61 1.22 -14.62
CA MET B 291 -5.28 1.63 -14.85
C MET B 291 -4.27 0.64 -14.36
N ALA B 292 -4.44 0.01 -13.22
CA ALA B 292 -3.51 -0.99 -12.71
C ALA B 292 -3.52 -2.26 -13.55
N PHE B 293 -4.63 -2.53 -14.23
CA PHE B 293 -4.67 -3.65 -15.14
C PHE B 293 -3.83 -3.26 -16.36
N ILE B 294 -4.04 -2.04 -16.90
CA ILE B 294 -3.32 -1.52 -18.04
C ILE B 294 -1.85 -1.56 -17.69
N GLU B 295 -1.53 -1.20 -16.45
CA GLU B 295 -0.19 -1.22 -15.97
C GLU B 295 0.37 -2.63 -16.01
N GLN B 296 -0.44 -3.60 -15.59
CA GLN B 296 -0.05 -5.01 -15.49
C GLN B 296 0.15 -5.67 -16.86
N ARG B 297 -0.64 -5.24 -17.83
CA ARG B 297 -0.51 -5.69 -19.19
C ARG B 297 0.57 -4.88 -19.92
N ASN B 298 1.35 -4.00 -19.26
CA ASN B 298 2.45 -3.20 -19.82
C ASN B 298 1.98 -2.18 -20.84
N TYR B 299 0.74 -1.72 -20.78
CA TYR B 299 0.29 -0.80 -21.77
C TYR B 299 0.32 0.61 -21.20
N ILE B 300 0.02 1.61 -22.02
CA ILE B 300 0.02 2.98 -21.59
C ILE B 300 -1.30 3.53 -22.16
N HIS B 301 -2.03 4.30 -21.37
CA HIS B 301 -3.25 4.93 -21.85
C HIS B 301 -2.73 6.32 -22.20
N ARG B 302 -2.35 6.82 -23.38
CA ARG B 302 -1.65 8.10 -23.44
C ARG B 302 -2.32 9.33 -22.81
N ASP B 303 -3.63 9.58 -22.74
CA ASP B 303 -4.11 10.71 -21.96
C ASP B 303 -5.22 10.43 -20.96
N LEU B 304 -4.89 10.28 -19.67
CA LEU B 304 -5.94 10.01 -18.71
C LEU B 304 -6.62 11.30 -18.32
N ARG B 305 -7.95 11.42 -18.22
CA ARG B 305 -8.65 12.55 -17.58
C ARG B 305 -10.10 12.19 -17.53
N ALA B 306 -10.95 12.83 -16.72
CA ALA B 306 -12.34 12.43 -16.54
C ALA B 306 -13.17 12.52 -17.78
N ALA B 307 -12.64 13.29 -18.71
CA ALA B 307 -13.22 13.39 -20.04
C ALA B 307 -13.12 12.05 -20.80
N ASN B 308 -12.15 11.23 -20.40
CA ASN B 308 -11.91 9.95 -20.97
C ASN B 308 -12.31 8.73 -20.16
N ILE B 309 -13.13 8.92 -19.13
CA ILE B 309 -13.65 7.88 -18.25
C ILE B 309 -15.14 7.99 -18.56
N LEU B 310 -15.88 6.91 -18.70
CA LEU B 310 -17.32 6.98 -19.00
C LEU B 310 -18.13 6.30 -17.89
N VAL B 311 -19.45 6.55 -17.73
CA VAL B 311 -20.17 5.93 -16.64
C VAL B 311 -21.29 5.04 -17.22
N SER B 312 -21.44 3.80 -16.71
CA SER B 312 -22.52 2.93 -17.14
C SER B 312 -23.81 3.35 -16.46
N ALA B 313 -24.96 2.78 -16.76
CA ALA B 313 -26.22 3.14 -16.07
C ALA B 313 -26.16 2.80 -14.58
N SER B 314 -25.41 1.74 -14.19
CA SER B 314 -25.17 1.39 -12.80
C SER B 314 -24.04 2.13 -12.08
N LEU B 315 -23.56 3.27 -12.56
CA LEU B 315 -22.48 4.04 -11.93
C LEU B 315 -21.14 3.33 -11.85
N VAL B 316 -20.82 2.57 -12.88
CA VAL B 316 -19.54 1.90 -12.92
C VAL B 316 -18.65 2.79 -13.78
N CYS B 317 -17.42 3.14 -13.42
CA CYS B 317 -16.61 3.97 -14.31
C CYS B 317 -15.73 3.14 -15.24
N LYS B 318 -15.68 3.35 -16.54
CA LYS B 318 -14.82 2.58 -17.41
C LYS B 318 -13.91 3.51 -18.19
N ILE B 319 -12.62 3.18 -18.35
CA ILE B 319 -11.67 3.98 -19.08
C ILE B 319 -11.93 3.86 -20.58
N ALA B 320 -12.01 4.99 -21.28
CA ALA B 320 -12.18 5.01 -22.72
C ALA B 320 -10.89 5.47 -23.43
N ASP B 321 -10.68 5.03 -24.68
CA ASP B 321 -9.60 5.44 -25.56
C ASP B 321 -8.21 5.21 -25.03
N PHE B 322 -7.54 4.11 -25.35
CA PHE B 322 -6.27 3.85 -24.70
C PHE B 322 -5.09 4.22 -25.56
N GLY B 323 -4.95 3.64 -26.75
CA GLY B 323 -3.84 3.93 -27.65
C GLY B 323 -4.11 5.11 -28.57
N LEU B 324 -3.09 5.98 -28.61
CA LEU B 324 -3.06 7.16 -29.46
C LEU B 324 -1.80 7.16 -30.31
N ALA B 325 -2.31 6.80 -31.48
CA ALA B 325 -1.63 6.60 -32.74
C ALA B 325 -2.27 7.67 -33.64
N ARG B 326 -2.27 8.94 -33.23
CA ARG B 326 -2.90 10.03 -33.98
C ARG B 326 -1.74 10.83 -34.61
N VAL B 327 -1.95 11.91 -35.41
CA VAL B 327 -0.85 12.71 -36.01
C VAL B 327 -1.05 14.26 -36.14
N GLY B 328 -0.37 15.27 -35.51
CA GLY B 328 -0.67 16.72 -35.73
C GLY B 328 0.33 17.72 -35.13
N ALA B 329 -2.48 23.01 -28.98
CA ALA B 329 -3.64 23.88 -29.14
C ALA B 329 -4.67 23.57 -28.04
N LYS B 330 -5.73 22.76 -28.22
CA LYS B 330 -6.63 22.37 -27.13
C LYS B 330 -6.27 20.93 -26.71
N PHE B 331 -4.97 20.81 -26.40
CA PHE B 331 -4.27 19.58 -26.06
C PHE B 331 -4.23 19.51 -24.53
N PRO B 332 -4.35 18.35 -23.87
CA PRO B 332 -4.49 18.21 -22.42
C PRO B 332 -3.34 18.55 -21.46
N ILE B 333 -2.56 19.59 -21.73
CA ILE B 333 -1.41 20.07 -20.93
C ILE B 333 -1.55 19.98 -19.41
N LYS B 334 -2.71 20.40 -18.90
CA LYS B 334 -2.99 20.41 -17.47
C LYS B 334 -2.91 19.04 -16.78
N TRP B 335 -3.18 18.04 -17.59
CA TRP B 335 -3.16 16.63 -17.23
C TRP B 335 -1.80 16.02 -17.60
N THR B 336 -0.89 16.73 -18.24
CA THR B 336 0.28 16.07 -18.71
C THR B 336 1.48 16.31 -17.81
N ALA B 337 2.12 15.16 -17.58
CA ALA B 337 3.36 15.12 -16.81
C ALA B 337 4.52 15.86 -17.49
N PRO B 338 5.34 16.66 -16.79
CA PRO B 338 6.56 17.29 -17.28
C PRO B 338 7.49 16.59 -18.26
N GLU B 339 7.86 15.32 -18.12
CA GLU B 339 8.75 14.66 -19.10
C GLU B 339 8.07 14.55 -20.48
N ALA B 340 6.74 14.42 -20.48
CA ALA B 340 5.98 14.27 -21.68
C ALA B 340 5.83 15.67 -22.28
N ILE B 341 5.30 16.65 -21.53
CA ILE B 341 5.15 18.03 -21.98
C ILE B 341 6.38 18.63 -22.71
N ASN B 342 7.57 18.14 -22.34
CA ASN B 342 8.82 18.58 -22.91
C ASN B 342 9.36 17.53 -23.84
N PHE B 343 9.71 16.33 -23.37
CA PHE B 343 10.39 15.34 -24.20
C PHE B 343 9.50 14.26 -24.83
N GLY B 344 8.18 14.40 -24.70
CA GLY B 344 7.24 13.44 -25.25
C GLY B 344 7.48 12.04 -24.74
N SER B 345 8.05 11.93 -23.54
CA SER B 345 8.24 10.63 -22.95
C SER B 345 6.93 10.28 -22.26
N PHE B 346 6.30 9.19 -22.71
CA PHE B 346 5.09 8.73 -22.10
C PHE B 346 5.42 7.35 -21.56
N THR B 347 5.06 7.24 -20.30
CA THR B 347 5.20 6.04 -19.50
C THR B 347 3.91 5.86 -18.72
N ILE B 348 3.83 4.75 -18.01
CA ILE B 348 2.76 4.54 -17.03
C ILE B 348 2.88 5.62 -15.99
N LYS B 349 4.12 6.05 -15.71
CA LYS B 349 4.39 7.12 -14.76
C LYS B 349 3.81 8.44 -15.26
N SER B 350 3.84 8.81 -16.54
CA SER B 350 3.18 10.06 -16.91
C SER B 350 1.69 9.91 -16.68
N ASP B 351 1.18 8.69 -16.89
CA ASP B 351 -0.22 8.41 -16.62
C ASP B 351 -0.53 8.56 -15.15
N VAL B 352 0.37 8.12 -14.30
CA VAL B 352 0.19 8.30 -12.89
C VAL B 352 -0.01 9.77 -12.66
N TRP B 353 0.79 10.65 -13.28
CA TRP B 353 0.61 12.07 -13.05
C TRP B 353 -0.83 12.43 -13.40
N SER B 354 -1.26 12.03 -14.60
CA SER B 354 -2.59 12.27 -15.10
C SER B 354 -3.64 11.71 -14.12
N PHE B 355 -3.45 10.55 -13.46
CA PHE B 355 -4.41 10.06 -12.49
C PHE B 355 -4.54 11.02 -11.29
N GLY B 356 -3.44 11.66 -10.91
CA GLY B 356 -3.40 12.59 -9.79
C GLY B 356 -4.33 13.74 -10.04
N ILE B 357 -4.17 14.26 -11.24
CA ILE B 357 -4.96 15.37 -11.74
C ILE B 357 -6.41 14.97 -11.83
N LEU B 358 -6.65 13.79 -12.32
CA LEU B 358 -7.98 13.29 -12.47
C LEU B 358 -8.55 13.05 -11.10
N LEU B 359 -7.77 12.66 -10.10
CA LEU B 359 -8.28 12.54 -8.76
C LEU B 359 -8.83 13.87 -8.33
N MET B 360 -8.12 14.92 -8.70
CA MET B 360 -8.54 16.26 -8.42
C MET B 360 -9.84 16.49 -9.13
N GLU B 361 -9.91 16.35 -10.44
CA GLU B 361 -11.16 16.53 -11.18
C GLU B 361 -12.35 15.87 -10.51
N ILE B 362 -12.15 14.68 -9.99
CA ILE B 362 -13.18 13.95 -9.34
C ILE B 362 -13.63 14.70 -8.12
N VAL B 363 -12.68 15.10 -7.30
CA VAL B 363 -13.01 15.71 -6.03
C VAL B 363 -13.59 17.11 -6.24
N THR B 364 -13.23 17.83 -7.29
CA THR B 364 -13.88 19.08 -7.54
C THR B 364 -15.03 19.00 -8.53
N TYR B 365 -15.66 17.84 -8.67
CA TYR B 365 -16.84 17.69 -9.51
C TYR B 365 -16.66 18.31 -10.90
N GLY B 366 -15.61 17.80 -11.51
CA GLY B 366 -15.28 18.19 -12.86
C GLY B 366 -14.80 19.62 -12.99
N ARG B 367 -14.57 20.36 -11.90
CA ARG B 367 -14.06 21.72 -11.96
C ARG B 367 -12.69 21.55 -12.56
N ILE B 368 -12.59 22.28 -13.65
CA ILE B 368 -11.43 22.27 -14.52
C ILE B 368 -10.12 22.57 -13.79
N PRO B 369 -9.05 21.87 -14.20
CA PRO B 369 -7.76 21.88 -13.57
C PRO B 369 -7.16 23.11 -12.92
N TYR B 370 -6.20 23.85 -13.43
CA TYR B 370 -5.59 24.88 -12.61
C TYR B 370 -6.52 26.04 -12.96
N PRO B 371 -7.43 26.48 -12.10
CA PRO B 371 -8.55 27.36 -12.49
C PRO B 371 -8.01 28.71 -12.93
N GLY B 372 -8.37 29.07 -14.17
CA GLY B 372 -7.97 30.32 -14.77
C GLY B 372 -6.57 30.32 -15.38
N MET B 373 -5.57 29.60 -14.86
CA MET B 373 -4.18 29.64 -15.33
C MET B 373 -4.04 29.18 -16.77
N SER B 374 -4.16 30.16 -17.66
CA SER B 374 -4.08 29.95 -19.09
C SER B 374 -2.77 29.27 -19.52
N ASN B 375 -2.93 27.96 -19.56
CA ASN B 375 -1.99 26.99 -20.06
C ASN B 375 -0.48 27.22 -20.05
N PRO B 376 0.33 27.99 -20.82
CA PRO B 376 1.76 28.10 -20.58
C PRO B 376 2.03 28.72 -19.23
N GLU B 377 1.06 29.43 -18.60
CA GLU B 377 1.19 29.90 -17.24
C GLU B 377 1.52 28.69 -16.36
N VAL B 378 0.74 27.60 -16.55
CA VAL B 378 0.93 26.33 -15.88
C VAL B 378 2.25 25.68 -16.32
N ILE B 379 2.75 25.69 -17.58
CA ILE B 379 4.02 24.99 -17.85
C ILE B 379 5.23 25.56 -17.09
N ARG B 380 5.32 26.89 -16.90
CA ARG B 380 6.42 27.49 -16.16
C ARG B 380 6.14 27.38 -14.67
N ALA B 381 4.88 27.48 -14.21
CA ALA B 381 4.54 27.29 -12.80
C ALA B 381 5.01 25.93 -12.25
N LEU B 382 5.10 24.92 -13.09
CA LEU B 382 5.60 23.60 -12.70
C LEU B 382 7.14 23.55 -12.65
N GLU B 383 7.83 24.39 -13.46
CA GLU B 383 9.30 24.51 -13.45
C GLU B 383 9.66 25.08 -12.09
N ARG B 384 8.82 26.03 -11.65
CA ARG B 384 8.98 26.65 -10.36
C ARG B 384 8.53 25.75 -9.20
N GLY B 385 8.06 24.49 -9.40
CA GLY B 385 7.57 23.59 -8.35
C GLY B 385 6.13 23.79 -7.77
N TYR B 386 5.19 24.61 -8.29
CA TYR B 386 3.85 24.74 -7.71
C TYR B 386 3.10 23.46 -8.05
N ARG B 387 2.15 23.21 -7.18
CA ARG B 387 1.23 22.13 -7.35
C ARG B 387 -0.09 22.69 -6.82
N MET B 388 -1.24 22.27 -7.34
CA MET B 388 -2.51 22.84 -6.93
C MET B 388 -2.82 22.66 -5.44
N PRO B 389 -3.45 23.62 -4.73
CA PRO B 389 -3.89 23.46 -3.34
C PRO B 389 -4.94 22.41 -3.04
N ARG B 390 -5.08 22.08 -1.76
CA ARG B 390 -6.07 21.09 -1.35
C ARG B 390 -7.46 21.74 -1.27
N PRO B 391 -8.49 21.34 -2.02
CA PRO B 391 -9.89 21.71 -1.86
C PRO B 391 -10.41 21.42 -0.48
N GLU B 392 -11.21 22.28 0.12
CA GLU B 392 -11.67 22.04 1.48
C GLU B 392 -12.57 20.83 1.71
N ASN B 393 -13.05 20.17 0.66
CA ASN B 393 -13.88 18.98 0.80
C ASN B 393 -13.06 17.69 0.68
N CYS B 394 -11.76 17.82 0.36
CA CYS B 394 -10.86 16.73 0.05
C CYS B 394 -10.10 16.31 1.29
N PRO B 395 -10.18 15.10 1.84
CA PRO B 395 -9.29 14.65 2.90
C PRO B 395 -7.80 14.70 2.51
N GLU B 396 -7.00 14.95 3.56
CA GLU B 396 -5.57 15.15 3.44
C GLU B 396 -4.96 13.96 2.78
N GLU B 397 -5.40 12.78 3.20
CA GLU B 397 -4.81 11.53 2.75
C GLU B 397 -5.08 11.23 1.28
N LEU B 398 -6.05 11.89 0.61
CA LEU B 398 -6.31 11.74 -0.83
C LEU B 398 -5.39 12.71 -1.56
N TYR B 399 -5.33 13.87 -0.93
CA TYR B 399 -4.47 14.92 -1.40
C TYR B 399 -3.04 14.43 -1.43
N ASN B 400 -2.62 13.72 -0.40
CA ASN B 400 -1.29 13.19 -0.37
C ASN B 400 -1.12 12.23 -1.56
N ILE B 401 -2.11 11.42 -1.92
CA ILE B 401 -1.98 10.58 -3.09
C ILE B 401 -1.76 11.41 -4.34
N MET B 402 -2.51 12.49 -4.51
CA MET B 402 -2.32 13.38 -5.65
C MET B 402 -0.88 13.85 -5.76
N MET B 403 -0.47 14.39 -4.61
CA MET B 403 0.83 14.90 -4.39
C MET B 403 1.89 13.93 -4.79
N ARG B 404 1.68 12.68 -4.43
CA ARG B 404 2.61 11.63 -4.79
C ARG B 404 2.61 11.32 -6.27
N CYS B 405 1.48 11.44 -6.95
CA CYS B 405 1.48 11.24 -8.39
C CYS B 405 2.29 12.34 -9.06
N TRP B 406 2.19 13.54 -8.51
CA TRP B 406 2.86 14.71 -9.06
C TRP B 406 4.31 14.85 -8.65
N LYS B 407 4.95 13.74 -8.27
CA LYS B 407 6.31 13.71 -7.79
C LYS B 407 7.15 13.89 -9.06
N ASN B 408 7.55 15.13 -9.28
CA ASN B 408 8.43 15.56 -10.34
C ASN B 408 9.30 14.52 -11.05
N ARG B 409 9.95 13.60 -10.31
CA ARG B 409 10.80 12.58 -10.92
C ARG B 409 9.93 11.33 -11.06
N PRO B 410 9.64 10.86 -12.27
CA PRO B 410 8.56 9.93 -12.57
C PRO B 410 8.68 8.60 -11.87
N GLU B 411 9.85 7.98 -11.71
CA GLU B 411 9.92 6.68 -11.06
C GLU B 411 9.72 6.76 -9.57
N GLU B 412 9.53 7.96 -9.02
CA GLU B 412 9.27 8.14 -7.61
C GLU B 412 7.77 8.36 -7.38
N ARG B 413 7.03 8.27 -8.47
CA ARG B 413 5.59 8.38 -8.45
C ARG B 413 5.08 6.97 -8.21
N PRO B 414 3.95 6.75 -7.50
CA PRO B 414 3.55 5.43 -7.05
C PRO B 414 3.04 4.56 -8.19
N THR B 415 2.95 3.24 -8.02
CA THR B 415 2.37 2.42 -9.07
C THR B 415 0.85 2.42 -8.94
N PHE B 416 0.15 2.22 -10.06
CA PHE B 416 -1.28 2.07 -10.00
C PHE B 416 -1.65 0.87 -9.14
N GLU B 417 -0.73 -0.07 -8.87
CA GLU B 417 -1.01 -1.17 -7.98
C GLU B 417 -1.15 -0.57 -6.57
N TYR B 418 -0.30 0.37 -6.19
CA TYR B 418 -0.34 0.89 -4.85
C TYR B 418 -1.59 1.70 -4.73
N ILE B 419 -1.82 2.59 -5.70
CA ILE B 419 -2.93 3.54 -5.64
C ILE B 419 -4.23 2.75 -5.51
N GLN B 420 -4.39 1.67 -6.27
CA GLN B 420 -5.56 0.85 -6.12
C GLN B 420 -5.63 0.26 -4.72
N SER B 421 -4.54 -0.25 -4.11
CA SER B 421 -4.67 -0.87 -2.79
C SER B 421 -5.21 0.12 -1.76
N VAL B 422 -4.74 1.38 -1.98
CA VAL B 422 -5.04 2.46 -1.07
C VAL B 422 -6.48 2.94 -1.18
N LEU B 423 -6.84 3.28 -2.41
CA LEU B 423 -8.17 3.76 -2.63
C LEU B 423 -9.19 2.68 -2.36
N ASP B 424 -8.98 1.42 -2.75
CA ASP B 424 -9.95 0.39 -2.51
C ASP B 424 -10.27 0.33 -1.04
N ASP B 425 -9.29 0.40 -0.15
CA ASP B 425 -9.60 0.28 1.26
C ASP B 425 -9.28 1.54 1.99
N PHE B 426 -9.71 2.62 1.37
CA PHE B 426 -9.53 3.91 1.98
C PHE B 426 -10.37 4.06 3.26
N TYR B 427 -11.47 3.33 3.49
CA TYR B 427 -12.17 3.54 4.74
C TYR B 427 -12.03 2.33 5.60
N THR B 428 -11.14 1.40 5.22
CA THR B 428 -10.99 0.15 5.95
C THR B 428 -9.53 -0.03 6.30
N ALA B 429 -9.43 -0.36 7.58
CA ALA B 429 -8.13 -0.65 8.13
C ALA B 429 -7.81 -2.02 7.57
N THR B 430 -6.57 -2.25 7.13
CA THR B 430 -6.14 -3.54 6.68
C THR B 430 -6.50 -4.62 7.71
N GLU B 431 -6.62 -4.44 9.04
CA GLU B 431 -6.95 -5.53 9.96
C GLU B 431 -8.39 -5.89 9.77
N SER B 432 -9.25 -4.95 9.44
CA SER B 432 -10.65 -5.26 9.43
C SER B 432 -11.28 -5.55 8.11
N GLN B 433 -10.43 -5.96 7.14
CA GLN B 433 -10.89 -6.37 5.82
C GLN B 433 -11.70 -7.65 5.90
N GLN B 435 -13.34 -10.48 8.70
CA GLN B 435 -13.78 -10.54 10.08
C GLN B 435 -13.04 -11.65 10.76
N GLN B 436 -12.59 -11.44 12.02
CA GLN B 436 -11.94 -12.52 12.76
C GLN B 436 -13.06 -13.52 13.04
N GLN B 437 -12.64 -14.73 12.69
CA GLN B 437 -13.38 -15.97 12.87
C GLN B 437 -14.03 -16.09 14.26
N PRO B 438 -15.36 -16.33 14.39
CA PRO B 438 -15.92 -16.85 15.64
C PRO B 438 -15.51 -18.32 15.94
#